data_2CUK
#
_entry.id   2CUK
#
_cell.length_a   70.774
_cell.length_b   52.235
_cell.length_c   161.433
_cell.angle_alpha   90.00
_cell.angle_beta   102.26
_cell.angle_gamma   90.00
#
_symmetry.space_group_name_H-M   'P 1 21 1'
#
loop_
_entity.id
_entity.type
_entity.pdbx_description
1 polymer 'glycerate dehydrogenase/glyoxylate reductase'
2 non-polymer '2-[N-CYCLOHEXYLAMINO]ETHANE SULFONIC ACID'
3 water water
#
_entity_poly.entity_id   1
_entity_poly.type   'polypeptide(L)'
_entity_poly.pdbx_seq_one_letter_code
;MRVLVTRTLPGKALDRLRERGLEVEVHRGLFLPKAELLKRVEGAVGLIPTVEDRIDAEVMDRAKGLKVIACYSVGVDHVD
LEAARERGIRVTHTPGVLTEATADLTLALLLAVARRVVEGAAYARDGLWKAWHPELLLGLDLQGLTLGLVGMGRIGQAVA
KRALAFGMRVVYHARTPKPLPYPFLSLEELLKEADVVSLHTPLTPETHRLLNRERLFAMKRGAILLNTARGALVDTEALV
EALRGHLFGAGLDVTDPEPLPPGHPLYALPNAVITPHIGSAGRTTRERMAEVAVENLLAVLEGREPPNPVV
;
_entity_poly.pdbx_strand_id   A,B,C,D
#
loop_
_chem_comp.id
_chem_comp.type
_chem_comp.name
_chem_comp.formula
NHE non-polymer '2-[N-CYCLOHEXYLAMINO]ETHANE SULFONIC ACID' 'C8 H17 N O3 S'
#
# COMPACT_ATOMS: atom_id res chain seq x y z
N MET A 1 56.12 -26.43 16.55
CA MET A 1 55.32 -25.20 16.84
C MET A 1 53.94 -25.31 16.21
N ARG A 2 52.92 -25.12 17.06
CA ARG A 2 51.54 -25.20 16.59
C ARG A 2 50.85 -23.85 16.67
N VAL A 3 50.00 -23.57 15.68
CA VAL A 3 49.26 -22.33 15.62
C VAL A 3 47.76 -22.63 15.66
N LEU A 4 47.02 -21.90 16.48
CA LEU A 4 45.59 -22.10 16.60
C LEU A 4 44.81 -20.96 15.96
N VAL A 5 43.93 -21.31 15.02
CA VAL A 5 43.08 -20.36 14.33
C VAL A 5 41.68 -20.71 14.78
N THR A 6 41.04 -19.80 15.51
CA THR A 6 39.71 -20.02 16.06
C THR A 6 38.56 -20.22 15.09
N ARG A 7 38.76 -19.91 13.82
CA ARG A 7 37.71 -20.07 12.82
C ARG A 7 38.32 -20.38 11.45
N THR A 8 37.53 -21.01 10.58
CA THR A 8 38.01 -21.31 9.24
C THR A 8 38.09 -20.00 8.47
N LEU A 9 39.10 -19.84 7.64
CA LEU A 9 39.30 -18.61 6.88
C LEU A 9 39.24 -18.85 5.37
N PRO A 10 38.79 -17.84 4.61
CA PRO A 10 38.69 -17.94 3.16
C PRO A 10 40.07 -17.75 2.54
N GLY A 11 40.30 -18.42 1.41
CA GLY A 11 41.59 -18.29 0.75
C GLY A 11 42.59 -19.28 1.32
N LYS A 12 43.82 -19.24 0.81
CA LYS A 12 44.87 -20.14 1.26
C LYS A 12 46.04 -19.45 1.95
N ALA A 13 45.78 -18.30 2.56
CA ALA A 13 46.83 -17.56 3.25
C ALA A 13 47.52 -18.43 4.30
N LEU A 14 46.76 -19.33 4.92
CA LEU A 14 47.33 -20.21 5.94
C LEU A 14 48.39 -21.17 5.41
N ASP A 15 48.30 -21.51 4.12
CA ASP A 15 49.27 -22.43 3.51
C ASP A 15 50.70 -21.94 3.71
N ARG A 16 50.88 -20.64 3.83
CA ARG A 16 52.21 -20.07 4.04
C ARG A 16 52.78 -20.61 5.35
N LEU A 17 51.93 -20.68 6.37
CA LEU A 17 52.34 -21.18 7.69
C LEU A 17 52.73 -22.65 7.57
N ARG A 18 51.88 -23.41 6.85
CA ARG A 18 52.15 -24.84 6.65
C ARG A 18 53.47 -25.05 5.90
N GLU A 19 53.71 -24.19 4.88
CA GLU A 19 54.94 -24.22 4.11
C GLU A 19 56.18 -24.03 5.00
N ARG A 20 55.95 -23.38 6.16
CA ARG A 20 57.06 -23.05 7.04
C ARG A 20 57.26 -24.12 8.11
N GLY A 21 56.59 -25.25 7.94
CA GLY A 21 56.71 -26.34 8.88
C GLY A 21 55.86 -26.20 10.11
N LEU A 22 55.07 -25.13 10.17
CA LEU A 22 54.20 -24.89 11.31
C LEU A 22 52.96 -25.77 11.23
N GLU A 23 52.53 -26.26 12.40
CA GLU A 23 51.33 -27.07 12.46
C GLU A 23 50.13 -26.17 12.68
N VAL A 24 49.22 -26.15 11.71
CA VAL A 24 48.05 -25.30 11.79
C VAL A 24 46.77 -26.01 12.21
N GLU A 25 46.21 -25.61 13.35
CA GLU A 25 44.95 -26.14 13.80
C GLU A 25 43.82 -25.14 13.56
N VAL A 26 42.90 -25.54 12.67
CA VAL A 26 41.81 -24.64 12.35
C VAL A 26 40.47 -25.19 12.84
N HIS A 27 39.84 -24.40 13.74
CA HIS A 27 38.59 -24.83 14.34
C HIS A 27 37.39 -24.61 13.41
N ARG A 28 36.65 -25.70 13.15
CA ARG A 28 35.49 -25.59 12.27
C ARG A 28 34.20 -25.31 13.04
N GLY A 29 33.29 -24.57 12.39
CA GLY A 29 31.99 -24.33 13.01
C GLY A 29 31.76 -22.86 13.34
N LEU A 30 30.55 -22.58 13.79
CA LEU A 30 30.12 -21.23 14.13
C LEU A 30 30.41 -20.84 15.58
N PHE A 31 30.63 -21.83 16.44
CA PHE A 31 30.91 -21.56 17.85
C PHE A 31 32.19 -22.21 18.38
N LEU A 32 32.77 -21.58 19.40
CA LEU A 32 33.98 -22.08 20.04
C LEU A 32 33.89 -21.76 21.53
N PRO A 33 33.26 -22.66 22.31
CA PRO A 33 33.11 -22.46 23.76
C PRO A 33 34.46 -22.18 24.42
N LYS A 34 34.48 -21.24 25.36
CA LYS A 34 35.72 -20.89 26.05
C LYS A 34 36.42 -22.13 26.60
N ALA A 35 35.63 -23.13 26.96
CA ALA A 35 36.19 -24.36 27.50
C ALA A 35 37.04 -25.06 26.46
N GLU A 36 36.57 -25.10 25.22
CA GLU A 36 37.31 -25.74 24.14
C GLU A 36 38.49 -24.89 23.67
N LEU A 37 38.37 -23.57 23.84
CA LEU A 37 39.46 -22.68 23.44
C LEU A 37 40.65 -22.93 24.39
N LEU A 38 40.35 -23.00 25.68
CA LEU A 38 41.36 -23.23 26.70
C LEU A 38 42.10 -24.54 26.46
N LYS A 39 41.35 -25.55 26.01
CA LYS A 39 41.93 -26.86 25.73
C LYS A 39 42.86 -26.87 24.53
N ARG A 40 42.47 -26.15 23.47
CA ARG A 40 43.18 -26.04 22.20
C ARG A 40 44.36 -25.05 22.24
N VAL A 41 44.26 -24.06 23.13
CA VAL A 41 45.26 -23.00 23.18
C VAL A 41 46.55 -23.39 23.90
N GLU A 42 46.44 -24.28 24.88
CA GLU A 42 47.60 -24.72 25.63
C GLU A 42 48.60 -25.43 24.71
N GLY A 43 49.84 -24.96 24.71
CA GLY A 43 50.87 -25.56 23.87
C GLY A 43 51.09 -24.83 22.56
N ALA A 44 50.19 -23.92 22.21
CA ALA A 44 50.29 -23.17 20.95
C ALA A 44 51.24 -21.98 21.06
N VAL A 45 52.07 -21.79 20.03
CA VAL A 45 53.01 -20.69 20.01
C VAL A 45 52.40 -19.47 19.34
N GLY A 46 51.39 -19.70 18.50
CA GLY A 46 50.72 -18.61 17.79
C GLY A 46 49.21 -18.74 17.83
N LEU A 47 48.51 -17.62 17.82
CA LEU A 47 47.05 -17.62 17.86
C LEU A 47 46.44 -16.56 16.96
N ILE A 48 45.42 -16.96 16.19
CA ILE A 48 44.72 -16.04 15.29
C ILE A 48 43.24 -16.13 15.67
N PRO A 49 42.77 -15.23 16.53
CA PRO A 49 41.37 -15.21 16.99
C PRO A 49 40.51 -14.27 16.16
N THR A 50 39.22 -14.24 16.50
CA THR A 50 38.24 -13.38 15.85
C THR A 50 37.58 -12.55 16.95
N VAL A 51 36.72 -11.61 16.54
CA VAL A 51 36.01 -10.77 17.51
C VAL A 51 35.09 -11.57 18.43
N GLU A 52 34.79 -12.80 18.04
CA GLU A 52 33.91 -13.67 18.83
C GLU A 52 34.65 -14.47 19.91
N ASP A 53 35.96 -14.31 19.96
CA ASP A 53 36.78 -15.04 20.95
C ASP A 53 37.32 -14.09 22.01
N ARG A 54 37.00 -14.37 23.28
CA ARG A 54 37.47 -13.57 24.38
C ARG A 54 38.88 -14.01 24.76
N ILE A 55 39.89 -13.23 24.41
CA ILE A 55 41.26 -13.58 24.73
C ILE A 55 41.71 -12.81 25.97
N ASP A 56 41.41 -13.37 27.14
CA ASP A 56 41.76 -12.75 28.42
C ASP A 56 43.01 -13.37 29.04
N ALA A 57 43.32 -12.95 30.26
CA ALA A 57 44.48 -13.46 30.99
C ALA A 57 44.44 -14.98 31.15
N GLU A 58 43.27 -15.51 31.46
CA GLU A 58 43.12 -16.96 31.65
C GLU A 58 43.61 -17.71 30.41
N VAL A 59 43.11 -17.31 29.24
CA VAL A 59 43.50 -17.95 27.98
C VAL A 59 45.01 -17.86 27.80
N MET A 60 45.57 -16.69 28.10
CA MET A 60 47.00 -16.47 27.96
C MET A 60 47.81 -17.36 28.90
N ASP A 61 47.40 -17.44 30.16
CA ASP A 61 48.10 -18.29 31.12
C ASP A 61 47.99 -19.75 30.70
N ARG A 62 46.80 -20.12 30.22
CA ARG A 62 46.55 -21.49 29.77
C ARG A 62 47.48 -21.83 28.61
N ALA A 63 47.77 -20.83 27.79
CA ALA A 63 48.64 -21.00 26.63
C ALA A 63 50.11 -20.73 27.01
N LYS A 64 50.63 -21.52 27.93
CA LYS A 64 52.01 -21.39 28.38
C LYS A 64 52.98 -21.48 27.20
N GLY A 65 53.48 -20.32 26.77
CA GLY A 65 54.42 -20.29 25.66
C GLY A 65 53.90 -19.55 24.44
N LEU A 66 52.76 -18.88 24.57
CA LEU A 66 52.18 -18.13 23.47
C LEU A 66 53.06 -16.91 23.19
N LYS A 67 53.45 -16.72 21.93
CA LYS A 67 54.31 -15.60 21.55
C LYS A 67 53.58 -14.46 20.86
N VAL A 68 52.53 -14.78 20.11
CA VAL A 68 51.80 -13.74 19.39
C VAL A 68 50.32 -14.01 19.19
N ILE A 69 49.55 -12.94 19.29
CA ILE A 69 48.11 -13.00 19.08
C ILE A 69 47.88 -12.12 17.84
N ALA A 70 47.79 -12.75 16.68
CA ALA A 70 47.56 -12.02 15.43
C ALA A 70 46.06 -12.00 15.16
N CYS A 71 45.43 -10.91 15.57
CA CYS A 71 43.99 -10.74 15.40
C CYS A 71 43.50 -10.69 13.97
N TYR A 72 42.42 -11.42 13.70
CA TYR A 72 41.81 -11.43 12.40
C TYR A 72 40.71 -10.38 12.49
N SER A 73 41.13 -9.12 12.61
CA SER A 73 40.23 -7.98 12.72
C SER A 73 41.04 -6.71 12.96
N VAL A 74 40.38 -5.55 12.81
CA VAL A 74 41.04 -4.27 13.04
C VAL A 74 40.87 -3.91 14.52
N GLY A 75 39.69 -4.20 15.06
CA GLY A 75 39.43 -3.90 16.46
C GLY A 75 40.07 -4.97 17.33
N VAL A 76 40.39 -4.61 18.58
CA VAL A 76 41.02 -5.55 19.51
C VAL A 76 40.44 -5.45 20.94
N ASP A 77 39.21 -4.98 21.05
CA ASP A 77 38.57 -4.83 22.36
C ASP A 77 38.30 -6.16 23.06
N HIS A 78 38.41 -7.26 22.31
CA HIS A 78 38.16 -8.58 22.85
C HIS A 78 39.43 -9.23 23.40
N VAL A 79 40.53 -8.48 23.37
CA VAL A 79 41.80 -8.99 23.85
C VAL A 79 42.36 -8.11 24.97
N ASP A 80 42.64 -8.71 26.12
CA ASP A 80 43.20 -7.97 27.25
C ASP A 80 44.63 -7.64 26.85
N LEU A 81 44.83 -6.45 26.28
CA LEU A 81 46.14 -6.04 25.82
C LEU A 81 47.20 -5.94 26.92
N GLU A 82 46.82 -5.41 28.07
CA GLU A 82 47.75 -5.27 29.19
C GLU A 82 48.16 -6.64 29.73
N ALA A 83 47.23 -7.59 29.71
CA ALA A 83 47.53 -8.93 30.18
C ALA A 83 48.58 -9.56 29.28
N ALA A 84 48.45 -9.32 27.98
CA ALA A 84 49.41 -9.84 27.01
C ALA A 84 50.77 -9.17 27.19
N ARG A 85 50.74 -7.86 27.36
CA ARG A 85 51.97 -7.08 27.55
C ARG A 85 52.74 -7.62 28.74
N GLU A 86 52.04 -7.78 29.86
CA GLU A 86 52.62 -8.28 31.09
C GLU A 86 53.17 -9.69 30.95
N ARG A 87 52.81 -10.36 29.87
CA ARG A 87 53.28 -11.72 29.62
C ARG A 87 54.23 -11.80 28.43
N GLY A 88 54.62 -10.65 27.91
CA GLY A 88 55.53 -10.62 26.78
C GLY A 88 54.97 -11.21 25.50
N ILE A 89 53.66 -11.11 25.33
CA ILE A 89 53.01 -11.62 24.13
C ILE A 89 52.74 -10.46 23.19
N ARG A 90 53.07 -10.64 21.91
CA ARG A 90 52.83 -9.58 20.94
C ARG A 90 51.39 -9.65 20.45
N VAL A 91 50.81 -8.50 20.15
CA VAL A 91 49.44 -8.45 19.65
C VAL A 91 49.39 -7.59 18.40
N THR A 92 48.81 -8.14 17.34
CA THR A 92 48.70 -7.41 16.08
C THR A 92 47.27 -7.46 15.56
N HIS A 93 46.98 -6.64 14.56
CA HIS A 93 45.66 -6.61 13.97
C HIS A 93 45.77 -6.39 12.46
N THR A 94 44.64 -6.17 11.80
CA THR A 94 44.64 -5.97 10.34
C THR A 94 44.05 -4.62 9.92
N PRO A 95 44.75 -3.51 10.20
CA PRO A 95 44.27 -2.17 9.85
C PRO A 95 44.34 -1.86 8.35
N GLY A 96 43.41 -1.03 7.89
CA GLY A 96 43.35 -0.63 6.50
C GLY A 96 42.58 -1.53 5.55
N VAL A 97 42.81 -2.83 5.68
CA VAL A 97 42.21 -3.86 4.82
C VAL A 97 40.70 -3.87 4.58
N LEU A 98 39.90 -3.58 5.61
CA LEU A 98 38.45 -3.63 5.43
C LEU A 98 37.74 -2.28 5.24
N THR A 99 38.52 -1.23 5.00
CA THR A 99 37.95 0.11 4.84
C THR A 99 36.97 0.25 3.68
N GLU A 100 37.43 -0.03 2.47
CA GLU A 100 36.61 0.07 1.28
C GLU A 100 35.37 -0.82 1.32
N ALA A 101 35.53 -2.03 1.81
CA ALA A 101 34.43 -2.99 1.89
C ALA A 101 33.34 -2.49 2.84
N THR A 102 33.75 -1.96 3.98
CA THR A 102 32.81 -1.45 4.96
C THR A 102 32.10 -0.21 4.41
N ALA A 103 32.85 0.60 3.69
CA ALA A 103 32.30 1.82 3.10
C ALA A 103 31.27 1.42 2.04
N ASP A 104 31.59 0.36 1.30
CA ASP A 104 30.71 -0.07 0.22
C ASP A 104 29.34 -0.46 0.75
N LEU A 105 29.36 -1.25 1.85
CA LEU A 105 28.10 -1.73 2.41
C LEU A 105 27.34 -0.61 3.12
N THR A 106 28.11 0.35 3.67
CA THR A 106 27.44 1.52 4.22
C THR A 106 26.58 2.18 3.15
N LEU A 107 27.18 2.38 1.99
CA LEU A 107 26.47 2.96 0.86
C LEU A 107 25.33 2.06 0.40
N ALA A 108 25.57 0.75 0.40
CA ALA A 108 24.55 -0.20 -0.01
C ALA A 108 23.30 -0.07 0.87
N LEU A 109 23.53 0.13 2.17
CA LEU A 109 22.44 0.28 3.14
C LEU A 109 21.71 1.60 2.95
N LEU A 110 22.46 2.67 2.66
CA LEU A 110 21.85 3.96 2.44
C LEU A 110 20.88 3.86 1.25
N LEU A 111 21.36 3.27 0.16
CA LEU A 111 20.55 3.09 -1.04
C LEU A 111 19.42 2.11 -0.80
N ALA A 112 19.69 1.07 -0.01
CA ALA A 112 18.67 0.06 0.28
C ALA A 112 17.47 0.71 0.98
N VAL A 113 17.74 1.59 1.93
CA VAL A 113 16.72 2.28 2.69
C VAL A 113 16.09 3.43 1.89
N ALA A 114 16.93 4.32 1.37
CA ALA A 114 16.48 5.49 0.64
C ALA A 114 15.55 5.11 -0.53
N ARG A 115 15.95 4.04 -1.25
CA ARG A 115 15.17 3.70 -2.45
C ARG A 115 14.38 2.39 -2.27
N ARG A 116 14.26 1.95 -1.00
CA ARG A 116 13.39 0.82 -0.69
C ARG A 116 13.66 -0.39 -1.57
N VAL A 117 14.94 -0.73 -1.71
CA VAL A 117 15.35 -1.88 -2.50
C VAL A 117 14.95 -3.23 -1.87
N VAL A 118 15.24 -3.42 -0.59
CA VAL A 118 14.89 -4.67 0.07
C VAL A 118 13.37 -4.83 0.04
N GLU A 119 12.66 -3.74 0.37
CA GLU A 119 11.21 -3.73 0.37
C GLU A 119 10.69 -4.07 -1.02
N GLY A 120 11.27 -3.43 -2.04
CA GLY A 120 10.86 -3.67 -3.41
C GLY A 120 11.07 -5.10 -3.86
N ALA A 121 12.18 -5.70 -3.43
CA ALA A 121 12.50 -7.08 -3.79
C ALA A 121 11.44 -8.02 -3.20
N ALA A 122 11.00 -7.72 -1.99
CA ALA A 122 9.98 -8.54 -1.33
C ALA A 122 8.65 -8.39 -2.07
N TYR A 123 8.36 -7.15 -2.47
CA TYR A 123 7.13 -6.81 -3.19
C TYR A 123 6.99 -7.67 -4.44
N ALA A 124 8.08 -7.81 -5.19
CA ALA A 124 8.07 -8.60 -6.41
C ALA A 124 8.02 -10.09 -6.07
N ARG A 125 8.87 -10.51 -5.14
CA ARG A 125 8.96 -11.90 -4.72
C ARG A 125 7.63 -12.46 -4.21
N ASP A 126 6.89 -11.66 -3.45
CA ASP A 126 5.62 -12.12 -2.89
C ASP A 126 4.43 -12.05 -3.84
N GLY A 127 4.68 -11.67 -5.09
CA GLY A 127 3.61 -11.59 -6.08
C GLY A 127 2.72 -10.36 -6.05
N LEU A 128 3.15 -9.30 -5.37
CA LEU A 128 2.35 -8.08 -5.31
C LEU A 128 2.57 -7.17 -6.52
N TRP A 129 3.63 -7.44 -7.29
CA TRP A 129 3.97 -6.65 -8.46
C TRP A 129 3.01 -6.97 -9.62
N LYS A 130 2.15 -6.01 -9.96
CA LYS A 130 1.16 -6.19 -11.02
C LYS A 130 1.41 -5.29 -12.23
N ALA A 131 2.02 -4.14 -11.99
CA ALA A 131 2.31 -3.19 -13.06
C ALA A 131 3.18 -2.04 -12.57
N TRP A 132 3.71 -1.29 -13.53
CA TRP A 132 4.52 -0.11 -13.23
C TRP A 132 3.51 0.97 -12.87
N HIS A 133 3.85 1.84 -11.91
CA HIS A 133 2.96 2.93 -11.57
C HIS A 133 3.76 4.12 -11.05
N PRO A 134 3.35 5.34 -11.45
CA PRO A 134 4.05 6.57 -11.08
C PRO A 134 4.26 6.79 -9.58
N GLU A 135 3.41 6.18 -8.75
CA GLU A 135 3.53 6.35 -7.31
C GLU A 135 3.96 5.09 -6.56
N LEU A 136 4.46 4.10 -7.28
CA LEU A 136 4.90 2.85 -6.66
C LEU A 136 6.30 2.90 -6.07
N LEU A 137 6.39 2.57 -4.78
CA LEU A 137 7.65 2.52 -4.05
C LEU A 137 8.54 3.75 -4.18
N LEU A 138 7.93 4.93 -4.02
CA LEU A 138 8.68 6.18 -4.12
C LEU A 138 9.66 6.30 -2.96
N GLY A 139 10.90 6.64 -3.28
CA GLY A 139 11.90 6.78 -2.24
C GLY A 139 12.45 8.20 -2.19
N LEU A 140 13.65 8.35 -1.64
CA LEU A 140 14.27 9.66 -1.55
C LEU A 140 15.38 9.85 -2.57
N ASP A 141 15.28 10.92 -3.36
CA ASP A 141 16.33 11.24 -4.33
C ASP A 141 17.46 11.76 -3.44
N LEU A 142 18.69 11.29 -3.68
CA LEU A 142 19.82 11.70 -2.86
C LEU A 142 20.47 13.03 -3.23
N GLN A 143 20.30 13.44 -4.49
CA GLN A 143 20.89 14.68 -4.97
C GLN A 143 20.54 15.91 -4.13
N GLY A 144 21.58 16.57 -3.62
CA GLY A 144 21.37 17.76 -2.81
C GLY A 144 21.18 17.50 -1.32
N LEU A 145 20.93 16.26 -0.94
CA LEU A 145 20.75 15.93 0.47
C LEU A 145 22.08 15.96 1.19
N THR A 146 22.01 16.17 2.51
CA THR A 146 23.21 16.24 3.32
C THR A 146 23.49 14.99 4.14
N LEU A 147 24.70 14.44 3.94
CA LEU A 147 25.12 13.26 4.69
C LEU A 147 25.99 13.76 5.84
N GLY A 148 25.61 13.40 7.05
CA GLY A 148 26.36 13.80 8.22
C GLY A 148 27.04 12.58 8.80
N LEU A 149 28.37 12.61 8.84
CA LEU A 149 29.15 11.50 9.37
C LEU A 149 29.59 11.80 10.79
N VAL A 150 29.39 10.84 11.69
CA VAL A 150 29.82 10.98 13.08
C VAL A 150 31.05 10.11 13.20
N GLY A 151 32.22 10.75 13.12
CA GLY A 151 33.48 10.04 13.16
C GLY A 151 34.01 10.10 11.75
N MET A 152 35.23 10.59 11.56
CA MET A 152 35.79 10.71 10.22
C MET A 152 37.13 10.01 10.00
N GLY A 153 37.20 8.74 10.40
CA GLY A 153 38.43 7.99 10.19
C GLY A 153 38.48 7.59 8.73
N ARG A 154 39.23 6.54 8.40
CA ARG A 154 39.35 6.10 7.01
C ARG A 154 38.01 5.66 6.41
N ILE A 155 37.22 4.91 7.16
CA ILE A 155 35.93 4.46 6.65
C ILE A 155 35.01 5.66 6.40
N GLY A 156 34.92 6.56 7.36
CA GLY A 156 34.08 7.74 7.19
C GLY A 156 34.48 8.54 5.97
N GLN A 157 35.79 8.66 5.73
CA GLN A 157 36.27 9.40 4.59
C GLN A 157 35.96 8.68 3.29
N ALA A 158 36.02 7.35 3.32
CA ALA A 158 35.72 6.55 2.13
C ALA A 158 34.23 6.69 1.83
N VAL A 159 33.41 6.75 2.87
CA VAL A 159 31.97 6.89 2.68
C VAL A 159 31.66 8.25 2.05
N ALA A 160 32.30 9.30 2.58
CA ALA A 160 32.11 10.64 2.07
C ALA A 160 32.44 10.75 0.58
N LYS A 161 33.52 10.10 0.17
CA LYS A 161 33.92 10.15 -1.24
C LYS A 161 32.82 9.55 -2.12
N ARG A 162 32.28 8.42 -1.70
CA ARG A 162 31.22 7.78 -2.47
C ARG A 162 29.99 8.67 -2.51
N ALA A 163 29.63 9.21 -1.35
CA ALA A 163 28.46 10.07 -1.23
C ALA A 163 28.52 11.25 -2.19
N LEU A 164 29.68 11.87 -2.34
CA LEU A 164 29.83 13.00 -3.23
C LEU A 164 29.44 12.67 -4.66
N ALA A 165 29.74 11.45 -5.09
CA ALA A 165 29.43 11.01 -6.45
C ALA A 165 27.93 10.87 -6.71
N PHE A 166 27.14 10.74 -5.65
CA PHE A 166 25.68 10.63 -5.80
C PHE A 166 25.05 12.01 -5.68
N GLY A 167 25.88 13.04 -5.66
CA GLY A 167 25.38 14.40 -5.57
C GLY A 167 24.99 14.85 -4.17
N MET A 168 25.49 14.14 -3.15
CA MET A 168 25.18 14.50 -1.78
C MET A 168 26.17 15.51 -1.23
N ARG A 169 25.72 16.28 -0.24
CA ARG A 169 26.60 17.21 0.40
C ARG A 169 27.09 16.55 1.66
N VAL A 170 28.32 16.83 2.06
CA VAL A 170 28.89 16.16 3.21
C VAL A 170 29.33 17.08 4.34
N VAL A 171 29.00 16.68 5.58
CA VAL A 171 29.39 17.41 6.77
C VAL A 171 29.80 16.35 7.78
N TYR A 172 30.49 16.73 8.84
CA TYR A 172 30.91 15.73 9.80
C TYR A 172 31.21 16.25 11.18
N HIS A 173 31.20 15.34 12.14
CA HIS A 173 31.54 15.65 13.52
C HIS A 173 32.54 14.59 13.94
N ALA A 174 33.52 14.97 14.75
CA ALA A 174 34.53 14.04 15.22
C ALA A 174 35.17 14.67 16.46
N ARG A 175 35.88 13.86 17.23
CA ARG A 175 36.51 14.37 18.44
C ARG A 175 37.54 15.48 18.11
N THR A 176 38.03 15.40 16.87
CA THR A 176 39.00 16.35 16.35
C THR A 176 38.77 16.63 14.88
N PRO A 177 38.75 17.93 14.50
CA PRO A 177 38.62 18.31 13.11
C PRO A 177 39.73 17.70 12.24
N LYS A 178 39.56 17.75 10.92
CA LYS A 178 40.56 17.23 10.00
C LYS A 178 40.60 18.10 8.76
N PRO A 179 41.78 18.18 8.11
CA PRO A 179 41.94 18.99 6.90
C PRO A 179 41.20 18.41 5.69
N LEU A 180 39.87 18.45 5.76
CA LEU A 180 39.03 17.93 4.69
C LEU A 180 38.14 19.05 4.15
N PRO A 181 37.71 18.94 2.88
CA PRO A 181 36.86 19.97 2.29
C PRO A 181 35.39 19.83 2.68
N TYR A 182 35.13 19.57 3.96
CA TYR A 182 33.76 19.42 4.45
C TYR A 182 33.58 20.21 5.74
N PRO A 183 32.38 20.78 5.94
CA PRO A 183 32.10 21.55 7.15
C PRO A 183 32.16 20.68 8.40
N PHE A 184 32.88 21.16 9.41
CA PHE A 184 33.01 20.44 10.68
C PHE A 184 31.94 21.01 11.61
N LEU A 185 31.05 20.15 12.12
CA LEU A 185 29.97 20.60 12.98
C LEU A 185 29.97 19.91 14.34
N SER A 186 29.24 20.50 15.29
CA SER A 186 29.10 19.91 16.60
C SER A 186 28.10 18.77 16.36
N LEU A 187 28.02 17.81 17.27
CA LEU A 187 27.07 16.71 17.09
C LEU A 187 25.66 17.26 17.00
N GLU A 188 25.37 18.24 17.84
CA GLU A 188 24.04 18.87 17.87
C GLU A 188 23.63 19.47 16.53
N GLU A 189 24.49 20.29 15.93
CA GLU A 189 24.15 20.87 14.63
C GLU A 189 24.09 19.81 13.51
N LEU A 190 24.99 18.81 13.59
CA LEU A 190 24.93 17.79 12.55
C LEU A 190 23.58 17.06 12.54
N LEU A 191 23.12 16.64 13.74
CA LEU A 191 21.85 15.94 13.83
C LEU A 191 20.71 16.81 13.31
N LYS A 192 20.85 18.11 13.48
CA LYS A 192 19.84 19.06 13.07
C LYS A 192 19.76 19.30 11.57
N GLU A 193 20.92 19.37 10.91
CA GLU A 193 20.98 19.64 9.48
C GLU A 193 21.08 18.45 8.53
N ALA A 194 21.49 17.29 9.06
CA ALA A 194 21.68 16.11 8.22
C ALA A 194 20.41 15.37 7.79
N ASP A 195 20.41 14.95 6.53
CA ASP A 195 19.29 14.20 5.95
C ASP A 195 19.57 12.73 6.21
N VAL A 196 20.86 12.39 6.26
CA VAL A 196 21.30 11.03 6.53
C VAL A 196 22.44 11.11 7.54
N VAL A 197 22.32 10.36 8.64
CA VAL A 197 23.37 10.34 9.65
C VAL A 197 24.02 8.95 9.63
N SER A 198 25.33 8.90 9.45
CA SER A 198 26.04 7.63 9.42
C SER A 198 27.08 7.60 10.52
N LEU A 199 27.09 6.53 11.30
CA LEU A 199 28.03 6.39 12.41
C LEU A 199 29.31 5.66 12.02
N HIS A 200 30.45 6.24 12.40
CA HIS A 200 31.75 5.68 12.09
C HIS A 200 32.75 6.05 13.18
N THR A 201 32.33 5.93 14.42
CA THR A 201 33.18 6.26 15.55
C THR A 201 33.32 5.06 16.46
N PRO A 202 34.51 4.86 17.04
CA PRO A 202 34.72 3.71 17.94
C PRO A 202 33.82 3.77 19.18
N LEU A 203 33.55 2.60 19.73
CA LEU A 203 32.71 2.51 20.93
C LEU A 203 33.56 2.74 22.17
N THR A 204 33.14 3.67 23.01
CA THR A 204 33.85 3.99 24.25
C THR A 204 32.81 4.44 25.27
N PRO A 205 33.22 4.64 26.53
CA PRO A 205 32.25 5.09 27.54
C PRO A 205 31.53 6.35 27.09
N GLU A 206 32.23 7.20 26.34
CA GLU A 206 31.67 8.45 25.86
C GLU A 206 30.68 8.29 24.70
N THR A 207 30.84 7.24 23.91
CA THR A 207 29.97 7.01 22.77
C THR A 207 28.93 5.91 23.01
N HIS A 208 28.99 5.29 24.18
CA HIS A 208 28.02 4.23 24.50
C HIS A 208 26.62 4.82 24.37
N ARG A 209 25.84 4.28 23.44
CA ARG A 209 24.49 4.76 23.19
C ARG A 209 24.43 6.25 22.92
N LEU A 210 25.36 6.71 22.10
CA LEU A 210 25.44 8.12 21.71
C LEU A 210 24.10 8.49 21.08
N LEU A 211 23.60 7.61 20.22
CA LEU A 211 22.32 7.85 19.56
C LEU A 211 21.21 7.33 20.45
N ASN A 212 20.95 8.08 21.51
CA ASN A 212 19.91 7.73 22.46
C ASN A 212 18.57 8.31 22.01
N ARG A 213 17.55 8.15 22.83
CA ARG A 213 16.22 8.63 22.50
C ARG A 213 16.18 10.12 22.15
N GLU A 214 16.88 10.95 22.93
CA GLU A 214 16.90 12.39 22.67
C GLU A 214 17.58 12.76 21.36
N ARG A 215 18.68 12.11 21.04
CA ARG A 215 19.38 12.43 19.80
C ARG A 215 18.67 11.90 18.56
N LEU A 216 18.02 10.74 18.68
CA LEU A 216 17.29 10.16 17.56
C LEU A 216 16.12 11.06 17.17
N PHE A 217 15.40 11.57 18.16
CA PHE A 217 14.27 12.45 17.89
C PHE A 217 14.73 13.88 17.61
N ALA A 218 16.04 14.13 17.75
CA ALA A 218 16.59 15.45 17.46
C ALA A 218 16.91 15.47 15.97
N MET A 219 17.04 14.29 15.37
CA MET A 219 17.31 14.20 13.95
C MET A 219 16.07 14.74 13.22
N LYS A 220 16.23 15.17 11.98
CA LYS A 220 15.03 15.70 11.34
C LYS A 220 14.02 14.61 10.97
N ARG A 221 12.75 14.98 10.99
CA ARG A 221 11.69 14.03 10.66
C ARG A 221 11.95 13.71 9.19
N GLY A 222 11.95 12.43 8.87
CA GLY A 222 12.22 12.04 7.49
C GLY A 222 13.70 11.76 7.24
N ALA A 223 14.50 11.72 8.30
CA ALA A 223 15.93 11.45 8.18
C ALA A 223 16.20 9.95 8.19
N ILE A 224 17.39 9.57 7.76
CA ILE A 224 17.80 8.17 7.75
C ILE A 224 19.03 7.98 8.64
N LEU A 225 19.03 6.92 9.43
CA LEU A 225 20.15 6.60 10.31
C LEU A 225 20.88 5.36 9.79
N LEU A 226 22.21 5.44 9.71
CA LEU A 226 23.01 4.31 9.25
C LEU A 226 24.06 3.97 10.31
N ASN A 227 24.24 2.68 10.57
CA ASN A 227 25.25 2.26 11.53
C ASN A 227 25.92 0.96 11.12
N THR A 228 27.16 1.06 10.68
CA THR A 228 27.94 -0.11 10.28
C THR A 228 29.17 -0.21 11.18
N ALA A 229 29.17 0.58 12.26
CA ALA A 229 30.29 0.60 13.22
C ALA A 229 30.13 -0.37 14.40
N ARG A 230 29.50 0.09 15.48
CA ARG A 230 29.29 -0.75 16.65
C ARG A 230 27.84 -0.66 17.11
N GLY A 231 27.22 -1.81 17.33
CA GLY A 231 25.82 -1.84 17.74
C GLY A 231 25.47 -0.97 18.94
N ALA A 232 26.31 -1.01 19.96
CA ALA A 232 26.08 -0.24 21.20
C ALA A 232 26.07 1.28 21.07
N LEU A 233 26.40 1.79 19.89
CA LEU A 233 26.39 3.24 19.68
C LEU A 233 24.96 3.76 19.61
N VAL A 234 24.02 2.84 19.42
CA VAL A 234 22.61 3.17 19.27
C VAL A 234 21.72 2.51 20.33
N ASP A 235 20.76 3.25 20.85
CA ASP A 235 19.81 2.72 21.82
C ASP A 235 18.76 2.04 20.94
N THR A 236 18.89 0.73 20.76
CA THR A 236 17.98 -0.03 19.92
C THR A 236 16.48 0.19 20.17
N GLU A 237 16.07 0.11 21.43
CA GLU A 237 14.65 0.29 21.74
C GLU A 237 14.17 1.68 21.31
N ALA A 238 14.99 2.70 21.51
CA ALA A 238 14.63 4.05 21.10
C ALA A 238 14.54 4.17 19.59
N LEU A 239 15.40 3.45 18.87
CA LEU A 239 15.37 3.50 17.42
C LEU A 239 14.02 2.97 16.92
N VAL A 240 13.53 1.90 17.54
CA VAL A 240 12.22 1.34 17.17
C VAL A 240 11.15 2.42 17.30
N GLU A 241 11.21 3.16 18.41
CA GLU A 241 10.25 4.22 18.66
C GLU A 241 10.28 5.28 17.54
N ALA A 242 11.48 5.73 17.21
CA ALA A 242 11.70 6.75 16.19
C ALA A 242 11.34 6.32 14.78
N LEU A 243 11.37 5.02 14.52
CA LEU A 243 11.07 4.49 13.20
C LEU A 243 9.59 4.39 12.90
N ARG A 244 8.75 4.47 13.94
CA ARG A 244 7.32 4.35 13.70
C ARG A 244 6.73 5.50 12.89
N GLY A 245 7.33 6.68 12.99
CA GLY A 245 6.82 7.82 12.23
C GLY A 245 7.75 9.02 12.07
N HIS A 246 8.76 9.13 12.93
CA HIS A 246 9.69 10.24 12.85
C HIS A 246 10.75 10.07 11.77
N LEU A 247 11.54 9.01 11.86
CA LEU A 247 12.60 8.74 10.88
C LEU A 247 12.09 8.08 9.60
N PHE A 248 12.70 8.43 8.47
CA PHE A 248 12.31 7.83 7.21
C PHE A 248 12.64 6.35 7.31
N GLY A 249 13.80 6.05 7.91
CA GLY A 249 14.23 4.67 8.06
C GLY A 249 15.64 4.51 8.61
N ALA A 250 16.09 3.27 8.69
CA ALA A 250 17.42 2.98 9.22
C ALA A 250 18.04 1.75 8.58
N GLY A 251 19.35 1.83 8.35
CA GLY A 251 20.09 0.72 7.76
C GLY A 251 21.16 0.32 8.76
N LEU A 252 21.06 -0.88 9.30
CA LEU A 252 22.01 -1.34 10.31
C LEU A 252 22.74 -2.63 9.96
N ASP A 253 24.05 -2.62 10.14
CA ASP A 253 24.85 -3.81 9.90
C ASP A 253 25.31 -4.34 11.25
N VAL A 254 25.12 -3.53 12.28
CA VAL A 254 25.49 -3.88 13.66
C VAL A 254 24.33 -3.53 14.56
N THR A 255 24.09 -4.35 15.58
CA THR A 255 22.99 -4.12 16.50
C THR A 255 23.34 -4.36 17.96
N ASP A 256 22.37 -4.10 18.83
CA ASP A 256 22.51 -4.29 20.26
C ASP A 256 21.15 -4.72 20.80
N PRO A 257 21.03 -5.98 21.26
CA PRO A 257 22.10 -6.98 21.30
C PRO A 257 22.43 -7.52 19.90
N GLU A 258 23.52 -8.27 19.81
CA GLU A 258 23.95 -8.83 18.54
C GLU A 258 24.43 -10.26 18.73
N PRO A 259 23.88 -11.20 17.94
CA PRO A 259 22.88 -10.99 16.89
C PRO A 259 21.55 -10.46 17.46
N LEU A 260 20.75 -9.85 16.57
CA LEU A 260 19.45 -9.33 16.98
C LEU A 260 18.42 -10.44 16.77
N PRO A 261 17.82 -10.94 17.88
CA PRO A 261 16.82 -12.01 17.85
C PRO A 261 15.72 -11.81 16.81
N PRO A 262 15.31 -12.89 16.13
CA PRO A 262 14.27 -12.92 15.08
C PRO A 262 12.96 -12.21 15.43
N GLY A 263 12.54 -12.31 16.68
CA GLY A 263 11.29 -11.68 17.08
C GLY A 263 11.37 -10.23 17.48
N HIS A 264 12.54 -9.62 17.33
CA HIS A 264 12.72 -8.21 17.68
C HIS A 264 11.90 -7.33 16.72
N PRO A 265 11.19 -6.32 17.26
CA PRO A 265 10.37 -5.42 16.44
C PRO A 265 11.04 -4.78 15.21
N LEU A 266 12.34 -4.55 15.25
CA LEU A 266 12.99 -3.94 14.10
C LEU A 266 12.77 -4.77 12.83
N TYR A 267 12.68 -6.08 12.97
CA TYR A 267 12.47 -6.95 11.82
C TYR A 267 11.08 -6.81 11.21
N ALA A 268 10.15 -6.29 11.99
CA ALA A 268 8.78 -6.10 11.53
C ALA A 268 8.58 -4.73 10.89
N LEU A 269 9.62 -3.89 10.91
CA LEU A 269 9.53 -2.55 10.32
C LEU A 269 10.10 -2.53 8.90
N PRO A 270 9.24 -2.32 7.90
CA PRO A 270 9.69 -2.28 6.51
C PRO A 270 10.70 -1.19 6.18
N ASN A 271 10.76 -0.13 7.00
CA ASN A 271 11.71 0.95 6.76
C ASN A 271 13.04 0.72 7.49
N ALA A 272 13.24 -0.48 7.99
CA ALA A 272 14.48 -0.84 8.67
C ALA A 272 15.14 -1.98 7.89
N VAL A 273 16.41 -1.81 7.55
CA VAL A 273 17.16 -2.84 6.83
C VAL A 273 18.29 -3.29 7.73
N ILE A 274 18.20 -4.53 8.20
CA ILE A 274 19.22 -5.08 9.09
C ILE A 274 20.03 -6.19 8.40
N THR A 275 21.35 -6.00 8.33
CA THR A 275 22.21 -7.01 7.75
C THR A 275 23.01 -7.60 8.91
N PRO A 276 23.34 -8.90 8.84
CA PRO A 276 24.08 -9.58 9.90
C PRO A 276 25.59 -9.32 10.04
N HIS A 277 25.96 -8.06 10.26
CA HIS A 277 27.36 -7.69 10.45
C HIS A 277 28.26 -8.24 9.35
N ILE A 278 27.94 -7.88 8.11
CA ILE A 278 28.70 -8.33 6.97
C ILE A 278 29.47 -7.19 6.30
N GLY A 279 29.63 -6.10 7.04
CA GLY A 279 30.34 -4.95 6.51
C GLY A 279 31.66 -5.24 5.80
N SER A 280 32.48 -6.13 6.36
CA SER A 280 33.76 -6.46 5.74
C SER A 280 33.72 -7.74 4.93
N ALA A 281 32.51 -8.23 4.67
CA ALA A 281 32.34 -9.49 3.94
C ALA A 281 32.60 -9.50 2.44
N GLY A 282 33.71 -8.91 2.02
CA GLY A 282 34.09 -8.95 0.62
C GLY A 282 35.04 -10.12 0.62
N ARG A 283 34.97 -11.00 -0.39
CA ARG A 283 35.86 -12.15 -0.41
C ARG A 283 37.32 -11.76 -0.43
N THR A 284 37.68 -10.82 -1.30
CA THR A 284 39.07 -10.38 -1.39
C THR A 284 39.51 -9.72 -0.07
N THR A 285 38.61 -8.98 0.55
CA THR A 285 38.91 -8.32 1.82
C THR A 285 39.20 -9.35 2.91
N ARG A 286 38.34 -10.37 3.01
CA ARG A 286 38.52 -11.40 4.02
C ARG A 286 39.78 -12.24 3.78
N GLU A 287 40.14 -12.45 2.51
CA GLU A 287 41.35 -13.22 2.20
C GLU A 287 42.55 -12.35 2.52
N ARG A 288 42.43 -11.06 2.24
CA ARG A 288 43.50 -10.11 2.53
C ARG A 288 43.73 -10.02 4.03
N MET A 289 42.66 -10.04 4.80
CA MET A 289 42.76 -9.98 6.25
C MET A 289 43.56 -11.18 6.75
N ALA A 290 43.37 -12.33 6.10
CA ALA A 290 44.07 -13.55 6.47
C ALA A 290 45.57 -13.41 6.17
N GLU A 291 45.89 -12.84 5.02
CA GLU A 291 47.28 -12.65 4.63
C GLU A 291 48.01 -11.74 5.62
N VAL A 292 47.34 -10.66 6.03
CA VAL A 292 47.92 -9.71 6.97
C VAL A 292 48.12 -10.32 8.35
N ALA A 293 47.15 -11.11 8.82
CA ALA A 293 47.28 -11.75 10.12
C ALA A 293 48.44 -12.75 10.05
N VAL A 294 48.50 -13.51 8.97
CA VAL A 294 49.57 -14.49 8.79
C VAL A 294 50.93 -13.81 8.77
N GLU A 295 51.04 -12.70 8.05
CA GLU A 295 52.30 -11.96 7.97
C GLU A 295 52.76 -11.55 9.37
N ASN A 296 51.87 -10.89 10.11
CA ASN A 296 52.18 -10.45 11.46
C ASN A 296 52.62 -11.61 12.36
N LEU A 297 51.89 -12.72 12.31
CA LEU A 297 52.23 -13.88 13.14
C LEU A 297 53.61 -14.44 12.78
N LEU A 298 53.85 -14.67 11.49
CA LEU A 298 55.15 -15.19 11.06
C LEU A 298 56.27 -14.24 11.47
N ALA A 299 56.03 -12.95 11.31
CA ALA A 299 57.02 -11.93 11.66
C ALA A 299 57.50 -12.12 13.10
N VAL A 300 56.57 -12.21 14.03
CA VAL A 300 56.92 -12.37 15.43
C VAL A 300 57.63 -13.71 15.69
N LEU A 301 57.18 -14.78 15.03
CA LEU A 301 57.81 -16.07 15.23
C LEU A 301 59.21 -16.15 14.63
N GLU A 302 59.52 -15.25 13.71
CA GLU A 302 60.84 -15.24 13.08
C GLU A 302 61.73 -14.19 13.76
N GLY A 303 61.34 -13.78 14.96
CA GLY A 303 62.11 -12.80 15.69
C GLY A 303 62.16 -11.44 15.03
N ARG A 304 61.17 -11.15 14.19
CA ARG A 304 61.12 -9.86 13.50
C ARG A 304 60.01 -8.99 14.07
N GLU A 305 60.08 -7.70 13.77
CA GLU A 305 59.08 -6.75 14.25
C GLU A 305 57.90 -6.82 13.29
N PRO A 306 56.70 -7.13 13.81
CA PRO A 306 55.51 -7.22 12.97
C PRO A 306 55.12 -5.86 12.40
N PRO A 307 54.51 -5.83 11.20
CA PRO A 307 54.10 -4.57 10.58
C PRO A 307 52.91 -3.84 11.21
N ASN A 308 52.01 -4.57 11.85
CA ASN A 308 50.84 -3.94 12.46
C ASN A 308 50.64 -4.31 13.92
N PRO A 309 51.61 -3.97 14.78
CA PRO A 309 51.51 -4.30 16.20
C PRO A 309 50.56 -3.38 16.99
N VAL A 310 49.93 -3.97 18.00
CA VAL A 310 49.03 -3.25 18.89
C VAL A 310 49.80 -3.13 20.20
N VAL A 311 50.57 -4.16 20.52
CA VAL A 311 51.39 -4.19 21.72
C VAL A 311 52.72 -4.86 21.39
N MET B 1 -4.32 7.16 44.83
CA MET B 1 -4.27 6.11 43.79
C MET B 1 -4.34 6.73 42.40
N ARG B 2 -3.61 6.15 41.45
CA ARG B 2 -3.58 6.66 40.09
C ARG B 2 -3.94 5.57 39.10
N VAL B 3 -4.62 5.97 38.03
CA VAL B 3 -5.03 5.06 36.97
C VAL B 3 -4.45 5.52 35.64
N LEU B 4 -3.90 4.58 34.89
CA LEU B 4 -3.31 4.92 33.59
C LEU B 4 -4.23 4.48 32.46
N VAL B 5 -4.53 5.41 31.56
CA VAL B 5 -5.38 5.14 30.39
C VAL B 5 -4.41 5.35 29.22
N THR B 6 -4.14 4.29 28.46
CA THR B 6 -3.16 4.36 27.36
C THR B 6 -3.47 5.24 26.16
N ARG B 7 -4.74 5.60 25.96
CA ARG B 7 -5.11 6.46 24.84
C ARG B 7 -6.26 7.37 25.28
N THR B 8 -6.43 8.49 24.58
CA THR B 8 -7.52 9.40 24.90
C THR B 8 -8.82 8.73 24.46
N LEU B 9 -9.83 8.75 25.31
CA LEU B 9 -11.11 8.12 25.01
C LEU B 9 -12.20 9.17 24.81
N PRO B 10 -13.18 8.90 23.92
CA PRO B 10 -14.25 9.88 23.71
C PRO B 10 -15.20 9.87 24.89
N GLY B 11 -15.94 10.96 25.06
CA GLY B 11 -16.89 11.02 26.17
C GLY B 11 -16.30 11.50 27.47
N LYS B 12 -17.10 11.42 28.53
CA LYS B 12 -16.69 11.88 29.85
C LYS B 12 -16.66 10.76 30.90
N ALA B 13 -16.65 9.52 30.43
CA ALA B 13 -16.63 8.37 31.32
C ALA B 13 -15.54 8.44 32.38
N LEU B 14 -14.37 8.92 32.00
CA LEU B 14 -13.24 9.02 32.93
C LEU B 14 -13.50 9.96 34.11
N ASP B 15 -14.39 10.93 33.96
CA ASP B 15 -14.69 11.84 35.06
C ASP B 15 -15.23 11.09 36.27
N ARG B 16 -15.87 9.94 36.03
CA ARG B 16 -16.42 9.17 37.13
C ARG B 16 -15.28 8.72 38.05
N LEU B 17 -14.12 8.44 37.47
CA LEU B 17 -12.97 8.01 38.24
C LEU B 17 -12.41 9.19 39.04
N ARG B 18 -12.33 10.35 38.38
CA ARG B 18 -11.82 11.54 39.03
C ARG B 18 -12.70 11.97 40.20
N GLU B 19 -14.01 11.89 40.02
CA GLU B 19 -14.95 12.26 41.07
C GLU B 19 -14.79 11.35 42.28
N ARG B 20 -14.25 10.16 42.05
CA ARG B 20 -14.02 9.21 43.13
C ARG B 20 -12.67 9.45 43.81
N GLY B 21 -12.01 10.54 43.43
CA GLY B 21 -10.73 10.89 44.02
C GLY B 21 -9.51 10.26 43.36
N LEU B 22 -9.73 9.52 42.28
CA LEU B 22 -8.63 8.85 41.58
C LEU B 22 -7.94 9.80 40.60
N GLU B 23 -6.61 9.72 40.54
CA GLU B 23 -5.85 10.54 39.61
C GLU B 23 -5.88 9.75 38.30
N VAL B 24 -6.23 10.41 37.21
CA VAL B 24 -6.31 9.74 35.92
C VAL B 24 -5.27 10.27 34.93
N GLU B 25 -4.30 9.41 34.59
CA GLU B 25 -3.26 9.78 33.64
C GLU B 25 -3.63 9.23 32.27
N VAL B 26 -3.74 10.12 31.29
CA VAL B 26 -4.11 9.73 29.93
C VAL B 26 -3.02 10.07 28.91
N HIS B 27 -2.59 9.08 28.16
CA HIS B 27 -1.58 9.25 27.12
C HIS B 27 -2.20 9.80 25.85
N ARG B 28 -1.66 10.90 25.31
CA ARG B 28 -2.21 11.53 24.11
C ARG B 28 -1.64 11.06 22.77
N GLY B 29 -0.61 10.24 22.81
CA GLY B 29 0.00 9.79 21.57
C GLY B 29 -0.77 8.78 20.73
N LEU B 30 -0.30 8.60 19.50
CA LEU B 30 -0.89 7.63 18.59
C LEU B 30 -0.17 6.32 18.86
N PHE B 31 1.04 6.44 19.39
CA PHE B 31 1.88 5.31 19.75
C PHE B 31 2.28 5.44 21.21
N LEU B 32 2.42 4.31 21.89
CA LEU B 32 2.86 4.30 23.28
C LEU B 32 3.95 3.25 23.36
N PRO B 33 5.22 3.69 23.34
CA PRO B 33 6.40 2.81 23.41
C PRO B 33 6.37 1.91 24.65
N LYS B 34 6.88 0.68 24.49
CA LYS B 34 6.92 -0.27 25.59
C LYS B 34 7.62 0.31 26.82
N ALA B 35 8.75 0.97 26.61
CA ALA B 35 9.49 1.56 27.71
C ALA B 35 8.70 2.65 28.41
N GLU B 36 7.89 3.38 27.65
CA GLU B 36 7.09 4.46 28.23
C GLU B 36 5.95 3.90 29.07
N LEU B 37 5.38 2.79 28.62
CA LEU B 37 4.30 2.15 29.35
C LEU B 37 4.82 1.70 30.71
N LEU B 38 5.98 1.05 30.72
CA LEU B 38 6.59 0.58 31.96
C LEU B 38 6.82 1.75 32.92
N LYS B 39 7.30 2.86 32.39
CA LYS B 39 7.54 4.04 33.20
C LYS B 39 6.23 4.58 33.79
N ARG B 40 5.23 4.78 32.94
CA ARG B 40 3.94 5.30 33.36
C ARG B 40 3.11 4.38 34.26
N VAL B 41 3.21 3.08 34.04
CA VAL B 41 2.43 2.11 34.81
C VAL B 41 2.93 1.88 36.24
N GLU B 42 4.17 2.25 36.52
CA GLU B 42 4.71 2.06 37.86
C GLU B 42 3.87 2.81 38.90
N GLY B 43 3.41 2.09 39.91
CA GLY B 43 2.62 2.72 40.95
C GLY B 43 1.13 2.82 40.64
N ALA B 44 0.74 2.53 39.40
CA ALA B 44 -0.68 2.60 39.02
C ALA B 44 -1.45 1.41 39.59
N VAL B 45 -2.64 1.69 40.13
CA VAL B 45 -3.48 0.64 40.70
C VAL B 45 -4.43 0.08 39.65
N GLY B 46 -4.69 0.87 38.62
CA GLY B 46 -5.58 0.43 37.56
C GLY B 46 -5.03 0.81 36.20
N LEU B 47 -5.40 0.03 35.19
CA LEU B 47 -4.95 0.27 33.82
C LEU B 47 -6.06 0.03 32.81
N ILE B 48 -6.20 0.94 31.87
CA ILE B 48 -7.18 0.80 30.80
C ILE B 48 -6.38 0.87 29.51
N PRO B 49 -6.04 -0.29 28.94
CA PRO B 49 -5.27 -0.35 27.70
C PRO B 49 -6.14 -0.53 26.46
N THR B 50 -5.51 -0.48 25.30
CA THR B 50 -6.19 -0.68 24.03
C THR B 50 -5.50 -1.87 23.37
N VAL B 51 -6.04 -2.34 22.25
CA VAL B 51 -5.47 -3.47 21.55
C VAL B 51 -4.10 -3.16 20.96
N GLU B 52 -3.68 -1.89 21.00
CA GLU B 52 -2.38 -1.50 20.48
C GLU B 52 -1.29 -1.71 21.53
N ASP B 53 -1.71 -1.94 22.77
CA ASP B 53 -0.78 -2.13 23.88
C ASP B 53 -0.60 -3.59 24.28
N ARG B 54 0.64 -4.05 24.32
CA ARG B 54 0.95 -5.42 24.71
C ARG B 54 1.13 -5.47 26.22
N ILE B 55 0.13 -6.01 26.91
CA ILE B 55 0.20 -6.10 28.36
C ILE B 55 0.72 -7.46 28.78
N ASP B 56 2.04 -7.57 28.88
CA ASP B 56 2.69 -8.82 29.26
C ASP B 56 3.08 -8.85 30.73
N ALA B 57 3.75 -9.92 31.14
CA ALA B 57 4.19 -10.10 32.52
C ALA B 57 5.09 -8.98 33.02
N GLU B 58 5.93 -8.45 32.14
CA GLU B 58 6.83 -7.37 32.51
C GLU B 58 6.07 -6.12 32.95
N VAL B 59 5.02 -5.79 32.21
CA VAL B 59 4.19 -4.62 32.52
C VAL B 59 3.59 -4.81 33.91
N MET B 60 3.03 -5.99 34.14
CA MET B 60 2.40 -6.32 35.41
C MET B 60 3.39 -6.23 36.58
N ASP B 61 4.57 -6.80 36.41
CA ASP B 61 5.57 -6.77 37.49
C ASP B 61 6.05 -5.34 37.78
N ARG B 62 6.28 -4.57 36.70
CA ARG B 62 6.73 -3.20 36.91
C ARG B 62 5.67 -2.37 37.64
N ALA B 63 4.39 -2.66 37.32
CA ALA B 63 3.30 -1.89 37.91
C ALA B 63 3.48 -1.70 39.41
N LYS B 64 3.81 -2.81 40.09
CA LYS B 64 4.13 -2.69 41.50
C LYS B 64 2.91 -2.20 42.30
N GLY B 65 1.76 -2.88 42.04
CA GLY B 65 0.55 -2.57 42.80
C GLY B 65 -0.72 -2.59 41.92
N LEU B 66 -0.62 -3.29 40.77
CA LEU B 66 -1.72 -3.28 39.81
C LEU B 66 -2.83 -4.26 40.21
N LYS B 67 -4.07 -3.82 40.40
CA LYS B 67 -5.17 -4.71 40.80
C LYS B 67 -6.09 -5.11 39.64
N VAL B 68 -6.20 -4.25 38.64
CA VAL B 68 -7.08 -4.55 37.53
C VAL B 68 -6.66 -3.95 36.19
N ILE B 69 -6.90 -4.72 35.13
CA ILE B 69 -6.60 -4.31 33.76
C ILE B 69 -7.95 -4.30 33.06
N ALA B 70 -8.57 -3.12 32.98
CA ALA B 70 -9.87 -2.99 32.34
C ALA B 70 -9.69 -2.69 30.85
N CYS B 71 -9.78 -3.72 30.04
CA CYS B 71 -9.61 -3.57 28.60
C CYS B 71 -10.68 -2.74 27.92
N TYR B 72 -10.22 -1.80 27.09
CA TYR B 72 -11.13 -0.95 26.32
C TYR B 72 -11.22 -1.71 25.00
N SER B 73 -11.85 -2.88 25.05
CA SER B 73 -11.99 -3.74 23.87
C SER B 73 -12.69 -5.03 24.24
N VAL B 74 -13.19 -5.75 23.25
CA VAL B 74 -13.85 -7.03 23.52
C VAL B 74 -12.79 -8.11 23.54
N GLY B 75 -11.87 -8.07 22.56
CA GLY B 75 -10.81 -9.06 22.50
C GLY B 75 -9.73 -8.78 23.53
N VAL B 76 -9.03 -9.81 23.97
CA VAL B 76 -7.99 -9.63 24.98
C VAL B 76 -6.71 -10.43 24.72
N ASP B 77 -6.48 -10.83 23.48
CA ASP B 77 -5.28 -11.60 23.20
C ASP B 77 -3.99 -10.79 23.26
N HIS B 78 -4.09 -9.50 23.54
CA HIS B 78 -2.90 -8.66 23.67
C HIS B 78 -2.52 -8.60 25.15
N VAL B 79 -3.27 -9.34 25.96
CA VAL B 79 -3.03 -9.40 27.40
C VAL B 79 -2.70 -10.86 27.77
N ASP B 80 -1.63 -11.04 28.54
CA ASP B 80 -1.24 -12.39 28.97
C ASP B 80 -2.12 -12.74 30.17
N LEU B 81 -3.26 -13.36 29.90
CA LEU B 81 -4.20 -13.72 30.95
C LEU B 81 -3.62 -14.59 32.05
N GLU B 82 -2.87 -15.63 31.67
CA GLU B 82 -2.27 -16.50 32.68
C GLU B 82 -1.31 -15.73 33.58
N ALA B 83 -0.55 -14.83 32.98
CA ALA B 83 0.39 -14.01 33.75
C ALA B 83 -0.37 -13.19 34.79
N ALA B 84 -1.50 -12.64 34.39
CA ALA B 84 -2.31 -11.84 35.29
C ALA B 84 -2.98 -12.78 36.30
N ARG B 85 -3.40 -13.94 35.83
CA ARG B 85 -4.07 -14.93 36.66
C ARG B 85 -3.20 -15.36 37.85
N GLU B 86 -1.93 -15.65 37.58
CA GLU B 86 -1.02 -16.09 38.63
C GLU B 86 -0.50 -14.95 39.51
N ARG B 87 -0.87 -13.72 39.19
CA ARG B 87 -0.43 -12.58 39.97
C ARG B 87 -1.59 -11.99 40.76
N GLY B 88 -2.78 -12.57 40.59
CA GLY B 88 -3.95 -12.09 41.29
C GLY B 88 -4.51 -10.81 40.70
N ILE B 89 -4.20 -10.54 39.44
CA ILE B 89 -4.68 -9.34 38.78
C ILE B 89 -5.92 -9.66 37.95
N ARG B 90 -7.00 -8.92 38.17
CA ARG B 90 -8.23 -9.13 37.42
C ARG B 90 -8.15 -8.50 36.04
N VAL B 91 -8.76 -9.16 35.07
CA VAL B 91 -8.78 -8.66 33.70
C VAL B 91 -10.24 -8.64 33.25
N THR B 92 -10.69 -7.51 32.71
CA THR B 92 -12.05 -7.37 32.24
C THR B 92 -12.07 -6.82 30.82
N HIS B 93 -13.24 -6.81 30.19
CA HIS B 93 -13.36 -6.30 28.83
C HIS B 93 -14.70 -5.61 28.58
N THR B 94 -15.00 -5.32 27.32
CA THR B 94 -16.24 -4.63 26.98
C THR B 94 -17.10 -5.40 25.97
N PRO B 95 -17.75 -6.49 26.43
CA PRO B 95 -18.61 -7.32 25.58
C PRO B 95 -20.00 -6.70 25.40
N GLY B 96 -20.65 -7.04 24.29
CA GLY B 96 -21.99 -6.55 24.02
C GLY B 96 -22.10 -5.13 23.48
N VAL B 97 -21.42 -4.20 24.13
CA VAL B 97 -21.44 -2.79 23.77
C VAL B 97 -21.16 -2.45 22.30
N LEU B 98 -20.24 -3.17 21.67
CA LEU B 98 -19.87 -2.88 20.28
C LEU B 98 -20.45 -3.82 19.24
N THR B 99 -21.35 -4.70 19.65
CA THR B 99 -21.97 -5.66 18.72
C THR B 99 -22.69 -5.02 17.53
N GLU B 100 -23.65 -4.14 17.81
CA GLU B 100 -24.42 -3.52 16.74
C GLU B 100 -23.59 -2.65 15.79
N ALA B 101 -22.68 -1.86 16.35
CA ALA B 101 -21.83 -0.99 15.54
C ALA B 101 -20.99 -1.82 14.55
N THR B 102 -20.43 -2.91 15.03
CA THR B 102 -19.61 -3.76 14.18
C THR B 102 -20.47 -4.39 13.10
N ALA B 103 -21.70 -4.75 13.45
CA ALA B 103 -22.63 -5.34 12.49
C ALA B 103 -22.97 -4.29 11.44
N ASP B 104 -23.19 -3.04 11.89
CA ASP B 104 -23.51 -1.96 10.98
C ASP B 104 -22.38 -1.75 9.97
N LEU B 105 -21.15 -1.75 10.46
CA LEU B 105 -19.99 -1.54 9.59
C LEU B 105 -19.83 -2.71 8.61
N THR B 106 -20.09 -3.92 9.08
CA THR B 106 -19.99 -5.09 8.22
C THR B 106 -20.96 -4.91 7.04
N LEU B 107 -22.18 -4.46 7.32
CA LEU B 107 -23.15 -4.25 6.25
C LEU B 107 -22.77 -3.07 5.35
N ALA B 108 -22.18 -2.03 5.94
CA ALA B 108 -21.77 -0.86 5.16
C ALA B 108 -20.74 -1.28 4.10
N LEU B 109 -19.81 -2.14 4.50
CA LEU B 109 -18.78 -2.64 3.58
C LEU B 109 -19.40 -3.50 2.49
N LEU B 110 -20.36 -4.35 2.86
CA LEU B 110 -21.03 -5.21 1.89
C LEU B 110 -21.68 -4.34 0.82
N LEU B 111 -22.42 -3.33 1.25
CA LEU B 111 -23.11 -2.42 0.34
C LEU B 111 -22.13 -1.56 -0.46
N ALA B 112 -21.04 -1.13 0.19
CA ALA B 112 -20.05 -0.32 -0.49
C ALA B 112 -19.41 -1.10 -1.63
N VAL B 113 -19.12 -2.39 -1.38
CA VAL B 113 -18.50 -3.23 -2.40
C VAL B 113 -19.50 -3.65 -3.47
N ALA B 114 -20.62 -4.23 -3.03
CA ALA B 114 -21.66 -4.70 -3.93
C ALA B 114 -22.19 -3.63 -4.88
N ARG B 115 -22.33 -2.41 -4.39
CA ARG B 115 -22.86 -1.35 -5.24
C ARG B 115 -21.85 -0.29 -5.67
N ARG B 116 -20.56 -0.61 -5.50
CA ARG B 116 -19.47 0.28 -5.92
C ARG B 116 -19.69 1.72 -5.51
N VAL B 117 -19.94 1.92 -4.22
CA VAL B 117 -20.19 3.25 -3.68
C VAL B 117 -18.94 4.13 -3.58
N VAL B 118 -17.85 3.57 -3.06
CA VAL B 118 -16.60 4.32 -2.93
C VAL B 118 -16.11 4.68 -4.33
N GLU B 119 -16.19 3.70 -5.23
CA GLU B 119 -15.78 3.89 -6.62
C GLU B 119 -16.65 4.95 -7.28
N GLY B 120 -17.94 4.90 -6.99
CA GLY B 120 -18.87 5.85 -7.58
C GLY B 120 -18.64 7.27 -7.12
N ALA B 121 -18.37 7.43 -5.83
CA ALA B 121 -18.12 8.75 -5.27
C ALA B 121 -16.88 9.36 -5.90
N ALA B 122 -15.87 8.52 -6.13
CA ALA B 122 -14.63 8.99 -6.75
C ALA B 122 -14.89 9.42 -8.20
N TYR B 123 -15.73 8.64 -8.88
CA TYR B 123 -16.11 8.91 -10.27
C TYR B 123 -16.71 10.31 -10.39
N ALA B 124 -17.64 10.63 -9.49
CA ALA B 124 -18.29 11.94 -9.49
C ALA B 124 -17.30 13.04 -9.08
N ARG B 125 -16.57 12.79 -8.00
CA ARG B 125 -15.61 13.74 -7.48
C ARG B 125 -14.52 14.10 -8.49
N ASP B 126 -14.10 13.12 -9.29
CA ASP B 126 -13.05 13.34 -10.29
C ASP B 126 -13.55 14.00 -11.57
N GLY B 127 -14.84 14.33 -11.62
CA GLY B 127 -15.41 14.98 -12.78
C GLY B 127 -15.67 14.10 -13.98
N LEU B 128 -15.82 12.80 -13.75
CA LEU B 128 -16.09 11.87 -14.85
C LEU B 128 -17.59 11.68 -15.07
N TRP B 129 -18.39 12.21 -14.16
CA TRP B 129 -19.85 12.09 -14.23
C TRP B 129 -20.42 13.07 -15.25
N LYS B 130 -20.73 12.55 -16.44
CA LYS B 130 -21.25 13.38 -17.51
C LYS B 130 -22.71 13.10 -17.83
N ALA B 131 -23.16 11.87 -17.59
CA ALA B 131 -24.54 11.53 -17.86
C ALA B 131 -24.91 10.18 -17.24
N TRP B 132 -26.21 9.91 -17.20
CA TRP B 132 -26.72 8.66 -16.68
C TRP B 132 -26.55 7.66 -17.83
N HIS B 133 -26.22 6.41 -17.51
CA HIS B 133 -26.09 5.39 -18.55
C HIS B 133 -26.49 4.03 -18.00
N PRO B 134 -27.20 3.22 -18.81
CA PRO B 134 -27.67 1.90 -18.40
C PRO B 134 -26.58 0.94 -17.90
N GLU B 135 -25.35 1.15 -18.34
CA GLU B 135 -24.25 0.27 -17.95
C GLU B 135 -23.22 0.89 -17.01
N LEU B 136 -23.48 2.08 -16.51
CA LEU B 136 -22.55 2.76 -15.62
C LEU B 136 -22.54 2.24 -14.18
N LEU B 137 -21.35 1.87 -13.71
CA LEU B 137 -21.16 1.37 -12.35
C LEU B 137 -22.10 0.26 -11.89
N LEU B 138 -22.41 -0.68 -12.79
CA LEU B 138 -23.30 -1.77 -12.43
C LEU B 138 -22.73 -2.59 -11.28
N GLY B 139 -23.57 -2.87 -10.29
CA GLY B 139 -23.14 -3.66 -9.15
C GLY B 139 -23.94 -4.93 -8.99
N LEU B 140 -23.98 -5.45 -7.77
CA LEU B 140 -24.70 -6.69 -7.49
C LEU B 140 -26.00 -6.50 -6.73
N ASP B 141 -27.08 -7.08 -7.26
CA ASP B 141 -28.37 -7.03 -6.60
C ASP B 141 -28.27 -8.09 -5.50
N LEU B 142 -28.63 -7.72 -4.28
CA LEU B 142 -28.53 -8.63 -3.13
C LEU B 142 -29.69 -9.58 -2.91
N GLN B 143 -30.85 -9.24 -3.46
CA GLN B 143 -32.03 -10.07 -3.26
C GLN B 143 -31.82 -11.54 -3.64
N GLY B 144 -32.04 -12.43 -2.69
CA GLY B 144 -31.89 -13.84 -2.95
C GLY B 144 -30.49 -14.43 -2.82
N LEU B 145 -29.47 -13.57 -2.76
CA LEU B 145 -28.10 -14.06 -2.63
C LEU B 145 -27.87 -14.66 -1.25
N THR B 146 -26.96 -15.62 -1.16
CA THR B 146 -26.68 -16.27 0.11
C THR B 146 -25.47 -15.69 0.83
N LEU B 147 -25.70 -15.27 2.06
CA LEU B 147 -24.65 -14.74 2.91
C LEU B 147 -24.25 -15.89 3.81
N GLY B 148 -22.98 -16.26 3.79
CA GLY B 148 -22.51 -17.34 4.64
C GLY B 148 -21.61 -16.81 5.73
N LEU B 149 -22.01 -16.99 6.98
CA LEU B 149 -21.22 -16.52 8.12
C LEU B 149 -20.31 -17.61 8.68
N VAL B 150 -19.03 -17.30 8.80
CA VAL B 150 -18.07 -18.25 9.35
C VAL B 150 -17.92 -17.87 10.82
N GLY B 151 -18.69 -18.54 11.67
CA GLY B 151 -18.71 -18.24 13.09
C GLY B 151 -20.03 -17.54 13.30
N MET B 152 -20.69 -17.76 14.44
CA MET B 152 -21.98 -17.15 14.68
C MET B 152 -22.24 -16.59 16.08
N GLY B 153 -21.33 -15.77 16.57
CA GLY B 153 -21.53 -15.17 17.87
C GLY B 153 -22.54 -14.06 17.76
N ARG B 154 -22.53 -13.12 18.71
CA ARG B 154 -23.52 -12.06 18.67
C ARG B 154 -23.35 -11.14 17.45
N ILE B 155 -22.12 -10.84 17.03
CA ILE B 155 -21.95 -10.01 15.84
C ILE B 155 -22.48 -10.74 14.62
N GLY B 156 -22.14 -12.02 14.51
CA GLY B 156 -22.60 -12.81 13.39
C GLY B 156 -24.12 -12.79 13.29
N GLN B 157 -24.78 -12.97 14.43
CA GLN B 157 -26.25 -12.97 14.46
C GLN B 157 -26.83 -11.61 14.10
N ALA B 158 -26.16 -10.54 14.52
CA ALA B 158 -26.62 -9.18 14.22
C ALA B 158 -26.50 -8.90 12.72
N VAL B 159 -25.42 -9.38 12.12
CA VAL B 159 -25.22 -9.21 10.68
C VAL B 159 -26.30 -10.00 9.94
N ALA B 160 -26.57 -11.22 10.38
CA ALA B 160 -27.58 -12.06 9.74
C ALA B 160 -28.95 -11.38 9.75
N LYS B 161 -29.32 -10.78 10.87
CA LYS B 161 -30.60 -10.10 10.99
C LYS B 161 -30.71 -8.97 9.97
N ARG B 162 -29.62 -8.23 9.79
CA ARG B 162 -29.60 -7.13 8.83
C ARG B 162 -29.72 -7.66 7.40
N ALA B 163 -28.93 -8.67 7.07
CA ALA B 163 -28.95 -9.25 5.73
C ALA B 163 -30.33 -9.75 5.31
N LEU B 164 -31.06 -10.37 6.23
CA LEU B 164 -32.39 -10.86 5.91
C LEU B 164 -33.28 -9.75 5.40
N ALA B 165 -33.16 -8.58 6.02
CA ALA B 165 -33.97 -7.41 5.65
C ALA B 165 -33.69 -6.94 4.22
N PHE B 166 -32.53 -7.30 3.68
CA PHE B 166 -32.18 -6.91 2.32
C PHE B 166 -32.63 -8.00 1.35
N GLY B 167 -33.33 -9.00 1.88
CA GLY B 167 -33.83 -10.09 1.06
C GLY B 167 -32.83 -11.21 0.80
N MET B 168 -31.79 -11.29 1.62
CA MET B 168 -30.78 -12.33 1.43
C MET B 168 -31.11 -13.63 2.16
N ARG B 169 -30.45 -14.69 1.72
CA ARG B 169 -30.59 -16.00 2.34
C ARG B 169 -29.37 -16.09 3.25
N VAL B 170 -29.54 -16.68 4.43
CA VAL B 170 -28.44 -16.80 5.37
C VAL B 170 -28.11 -18.24 5.75
N VAL B 171 -26.82 -18.57 5.76
CA VAL B 171 -26.33 -19.88 6.16
C VAL B 171 -25.12 -19.61 7.05
N TYR B 172 -24.69 -20.60 7.81
CA TYR B 172 -23.53 -20.40 8.68
C TYR B 172 -22.82 -21.67 9.06
N HIS B 173 -21.58 -21.51 9.52
CA HIS B 173 -20.75 -22.62 9.96
C HIS B 173 -20.19 -22.24 11.32
N ALA B 174 -20.17 -23.20 12.24
CA ALA B 174 -19.63 -22.98 13.58
C ALA B 174 -19.27 -24.32 14.17
N ARG B 175 -18.73 -24.33 15.39
CA ARG B 175 -18.37 -25.57 16.04
C ARG B 175 -19.60 -26.47 16.13
N THR B 176 -20.66 -25.93 16.73
CA THR B 176 -21.90 -26.68 16.89
C THR B 176 -23.11 -25.84 16.47
N PRO B 177 -24.21 -26.49 16.08
CA PRO B 177 -25.41 -25.76 15.67
C PRO B 177 -25.92 -24.84 16.77
N LYS B 178 -26.71 -23.84 16.37
CA LYS B 178 -27.28 -22.90 17.32
C LYS B 178 -28.78 -22.79 17.04
N PRO B 179 -29.57 -22.38 18.04
CA PRO B 179 -31.02 -22.24 17.89
C PRO B 179 -31.40 -21.06 16.98
N LEU B 180 -31.01 -21.16 15.71
CA LEU B 180 -31.28 -20.11 14.73
C LEU B 180 -31.91 -20.76 13.51
N PRO B 181 -32.81 -20.03 12.82
CA PRO B 181 -33.50 -20.53 11.63
C PRO B 181 -32.65 -20.51 10.35
N TYR B 182 -31.35 -20.75 10.48
CA TYR B 182 -30.45 -20.76 9.32
C TYR B 182 -29.83 -22.14 9.16
N PRO B 183 -29.63 -22.58 7.92
CA PRO B 183 -29.02 -23.91 7.79
C PRO B 183 -27.57 -23.91 8.27
N PHE B 184 -27.23 -24.95 9.01
CA PHE B 184 -25.89 -25.15 9.57
C PHE B 184 -25.10 -25.93 8.51
N LEU B 185 -23.95 -25.40 8.10
CA LEU B 185 -23.14 -26.06 7.08
C LEU B 185 -21.69 -26.24 7.51
N SER B 186 -20.98 -27.12 6.78
CA SER B 186 -19.57 -27.33 7.05
C SER B 186 -18.89 -26.15 6.36
N LEU B 187 -17.64 -25.86 6.72
CA LEU B 187 -16.94 -24.75 6.10
C LEU B 187 -16.87 -24.96 4.60
N GLU B 188 -16.63 -26.20 4.19
CA GLU B 188 -16.51 -26.54 2.77
C GLU B 188 -17.81 -26.26 2.02
N GLU B 189 -18.94 -26.68 2.58
CA GLU B 189 -20.23 -26.46 1.93
C GLU B 189 -20.55 -24.96 1.86
N LEU B 190 -20.32 -24.24 2.95
CA LEU B 190 -20.60 -22.81 2.99
C LEU B 190 -19.86 -22.06 1.89
N LEU B 191 -18.56 -22.30 1.77
CA LEU B 191 -17.75 -21.63 0.75
C LEU B 191 -18.28 -21.85 -0.67
N LYS B 192 -18.70 -23.07 -0.96
CA LYS B 192 -19.21 -23.39 -2.27
C LYS B 192 -20.57 -22.75 -2.58
N GLU B 193 -21.40 -22.63 -1.55
CA GLU B 193 -22.76 -22.10 -1.70
C GLU B 193 -22.97 -20.60 -1.49
N ALA B 194 -22.09 -19.94 -0.73
CA ALA B 194 -22.27 -18.51 -0.45
C ALA B 194 -21.87 -17.52 -1.54
N ASP B 195 -22.69 -16.47 -1.68
CA ASP B 195 -22.41 -15.40 -2.65
C ASP B 195 -21.63 -14.32 -1.91
N VAL B 196 -21.77 -14.32 -0.59
CA VAL B 196 -21.07 -13.39 0.27
C VAL B 196 -20.61 -14.14 1.52
N VAL B 197 -19.31 -14.08 1.78
CA VAL B 197 -18.75 -14.74 2.95
C VAL B 197 -18.28 -13.69 3.95
N SER B 198 -18.73 -13.80 5.19
CA SER B 198 -18.34 -12.84 6.21
C SER B 198 -17.72 -13.60 7.37
N LEU B 199 -16.57 -13.13 7.84
CA LEU B 199 -15.85 -13.79 8.92
C LEU B 199 -16.23 -13.22 10.30
N HIS B 200 -16.46 -14.11 11.25
CA HIS B 200 -16.82 -13.71 12.61
C HIS B 200 -16.35 -14.79 13.59
N THR B 201 -15.11 -15.22 13.43
CA THR B 201 -14.52 -16.23 14.28
C THR B 201 -13.24 -15.67 14.88
N PRO B 202 -12.91 -16.06 16.12
CA PRO B 202 -11.69 -15.56 16.74
C PRO B 202 -10.42 -16.06 16.05
N LEU B 203 -9.36 -15.28 16.14
CA LEU B 203 -8.09 -15.65 15.53
C LEU B 203 -7.29 -16.47 16.52
N THR B 204 -6.83 -17.63 16.07
CA THR B 204 -6.00 -18.52 16.88
C THR B 204 -5.05 -19.19 15.91
N PRO B 205 -3.99 -19.84 16.42
CA PRO B 205 -3.05 -20.50 15.51
C PRO B 205 -3.78 -21.45 14.56
N GLU B 206 -4.91 -21.99 15.01
CA GLU B 206 -5.68 -22.92 14.19
C GLU B 206 -6.42 -22.21 13.05
N THR B 207 -6.88 -20.99 13.31
CA THR B 207 -7.63 -20.24 12.30
C THR B 207 -6.76 -19.22 11.56
N HIS B 208 -5.46 -19.21 11.85
CA HIS B 208 -4.56 -18.27 11.17
C HIS B 208 -4.60 -18.58 9.68
N ARG B 209 -4.90 -17.57 8.88
CA ARG B 209 -5.00 -17.71 7.43
C ARG B 209 -5.99 -18.79 7.02
N LEU B 210 -7.13 -18.83 7.71
CA LEU B 210 -8.19 -19.78 7.42
C LEU B 210 -8.58 -19.61 5.96
N LEU B 211 -8.72 -18.36 5.53
CA LEU B 211 -9.05 -18.06 4.14
C LEU B 211 -7.74 -17.94 3.37
N ASN B 212 -7.14 -19.08 3.06
CA ASN B 212 -5.90 -19.07 2.31
C ASN B 212 -6.21 -19.17 0.83
N ARG B 213 -5.17 -19.37 0.01
CA ARG B 213 -5.34 -19.41 -1.43
C ARG B 213 -6.37 -20.46 -1.90
N GLU B 214 -6.28 -21.68 -1.37
CA GLU B 214 -7.19 -22.74 -1.75
C GLU B 214 -8.66 -22.41 -1.42
N ARG B 215 -8.91 -21.94 -0.20
CA ARG B 215 -10.28 -21.62 0.18
C ARG B 215 -10.84 -20.40 -0.55
N LEU B 216 -9.99 -19.40 -0.81
CA LEU B 216 -10.44 -18.20 -1.52
C LEU B 216 -10.89 -18.57 -2.93
N PHE B 217 -10.14 -19.44 -3.59
CA PHE B 217 -10.51 -19.86 -4.93
C PHE B 217 -11.57 -20.95 -4.89
N ALA B 218 -11.87 -21.44 -3.69
CA ALA B 218 -12.90 -22.45 -3.50
C ALA B 218 -14.22 -21.70 -3.38
N MET B 219 -14.13 -20.41 -3.07
CA MET B 219 -15.33 -19.59 -2.96
C MET B 219 -15.98 -19.49 -4.33
N LYS B 220 -17.28 -19.21 -4.34
CA LYS B 220 -18.03 -19.09 -5.58
C LYS B 220 -17.47 -17.96 -6.43
N ARG B 221 -17.36 -18.15 -7.74
CA ARG B 221 -16.82 -17.05 -8.50
C ARG B 221 -17.87 -15.95 -8.60
N GLY B 222 -17.40 -14.73 -8.35
CA GLY B 222 -18.30 -13.60 -8.32
C GLY B 222 -18.76 -13.32 -6.90
N ALA B 223 -18.18 -14.04 -5.95
CA ALA B 223 -18.54 -13.85 -4.54
C ALA B 223 -17.82 -12.64 -3.96
N ILE B 224 -18.28 -12.23 -2.78
CA ILE B 224 -17.71 -11.11 -2.05
C ILE B 224 -17.23 -11.62 -0.70
N LEU B 225 -16.02 -11.24 -0.32
CA LEU B 225 -15.47 -11.62 0.96
C LEU B 225 -15.49 -10.40 1.88
N LEU B 226 -15.99 -10.59 3.09
CA LEU B 226 -16.04 -9.52 4.08
C LEU B 226 -15.27 -9.94 5.31
N ASN B 227 -14.43 -9.06 5.85
CA ASN B 227 -13.70 -9.39 7.06
C ASN B 227 -13.59 -8.19 7.99
N THR B 228 -14.36 -8.26 9.08
CA THR B 228 -14.35 -7.21 10.08
C THR B 228 -13.90 -7.81 11.42
N ALA B 229 -13.44 -9.06 11.37
CA ALA B 229 -12.99 -9.77 12.57
C ALA B 229 -11.51 -9.57 12.88
N ARG B 230 -10.64 -10.39 12.29
CA ARG B 230 -9.20 -10.25 12.51
C ARG B 230 -8.48 -10.37 11.17
N GLY B 231 -7.53 -9.47 10.92
CA GLY B 231 -6.81 -9.48 9.66
C GLY B 231 -6.12 -10.76 9.25
N ALA B 232 -5.47 -11.42 10.21
CA ALA B 232 -4.74 -12.65 9.92
C ALA B 232 -5.57 -13.86 9.52
N LEU B 233 -6.90 -13.73 9.52
CA LEU B 233 -7.75 -14.85 9.11
C LEU B 233 -7.69 -15.01 7.58
N VAL B 234 -7.18 -13.99 6.91
CA VAL B 234 -7.10 -13.98 5.45
C VAL B 234 -5.67 -13.84 4.92
N ASP B 235 -5.34 -14.62 3.90
CA ASP B 235 -4.03 -14.56 3.26
C ASP B 235 -4.14 -13.38 2.30
N THR B 236 -3.60 -12.24 2.72
CA THR B 236 -3.66 -11.00 1.94
C THR B 236 -3.14 -11.08 0.50
N GLU B 237 -2.00 -11.75 0.30
CA GLU B 237 -1.43 -11.91 -1.03
C GLU B 237 -2.41 -12.62 -1.95
N ALA B 238 -2.91 -13.76 -1.47
CA ALA B 238 -3.84 -14.58 -2.24
C ALA B 238 -5.12 -13.81 -2.58
N LEU B 239 -5.57 -12.97 -1.65
CA LEU B 239 -6.78 -12.20 -1.88
C LEU B 239 -6.62 -11.30 -3.10
N VAL B 240 -5.48 -10.61 -3.18
CA VAL B 240 -5.21 -9.73 -4.32
C VAL B 240 -5.36 -10.50 -5.61
N GLU B 241 -4.85 -11.74 -5.62
CA GLU B 241 -4.94 -12.58 -6.79
C GLU B 241 -6.38 -12.96 -7.08
N ALA B 242 -7.11 -13.37 -6.05
CA ALA B 242 -8.50 -13.77 -6.22
C ALA B 242 -9.37 -12.62 -6.70
N LEU B 243 -8.95 -11.38 -6.39
CA LEU B 243 -9.72 -10.21 -6.79
C LEU B 243 -9.55 -9.77 -8.24
N ARG B 244 -8.52 -10.28 -8.92
CA ARG B 244 -8.31 -9.91 -10.31
C ARG B 244 -9.46 -10.38 -11.18
N GLY B 245 -9.85 -11.65 -11.03
CA GLY B 245 -10.94 -12.15 -11.86
C GLY B 245 -11.90 -13.14 -11.23
N HIS B 246 -11.51 -13.74 -10.11
CA HIS B 246 -12.36 -14.72 -9.45
C HIS B 246 -13.50 -14.15 -8.59
N LEU B 247 -13.14 -13.32 -7.61
CA LEU B 247 -14.14 -12.73 -6.71
C LEU B 247 -14.64 -11.40 -7.25
N PHE B 248 -15.90 -11.08 -6.94
CA PHE B 248 -16.48 -9.81 -7.35
C PHE B 248 -15.75 -8.69 -6.61
N GLY B 249 -15.53 -8.91 -5.32
CA GLY B 249 -14.86 -7.90 -4.51
C GLY B 249 -14.67 -8.31 -3.07
N ALA B 250 -14.12 -7.39 -2.28
CA ALA B 250 -13.88 -7.65 -0.86
C ALA B 250 -13.97 -6.37 -0.03
N GLY B 251 -14.58 -6.48 1.14
CA GLY B 251 -14.71 -5.36 2.05
C GLY B 251 -13.96 -5.75 3.30
N LEU B 252 -12.87 -5.04 3.59
CA LEU B 252 -12.05 -5.36 4.76
C LEU B 252 -11.96 -4.20 5.74
N ASP B 253 -12.10 -4.50 7.03
CA ASP B 253 -11.98 -3.47 8.06
C ASP B 253 -10.72 -3.83 8.85
N VAL B 254 -10.21 -5.03 8.59
CA VAL B 254 -8.99 -5.50 9.25
C VAL B 254 -8.10 -6.13 8.20
N THR B 255 -6.79 -6.05 8.40
CA THR B 255 -5.84 -6.58 7.43
C THR B 255 -4.63 -7.23 8.08
N ASP B 256 -3.80 -7.85 7.24
CA ASP B 256 -2.58 -8.48 7.70
C ASP B 256 -1.51 -8.23 6.64
N PRO B 257 -0.47 -7.44 6.98
CA PRO B 257 -0.28 -6.80 8.29
C PRO B 257 -1.29 -5.67 8.52
N GLU B 258 -1.32 -5.15 9.74
CA GLU B 258 -2.23 -4.06 10.07
C GLU B 258 -1.50 -3.02 10.90
N PRO B 259 -1.56 -1.74 10.49
CA PRO B 259 -2.27 -1.24 9.29
C PRO B 259 -1.68 -1.82 8.01
N LEU B 260 -2.48 -1.84 6.95
CA LEU B 260 -1.97 -2.33 5.67
C LEU B 260 -1.22 -1.13 5.07
N PRO B 261 0.08 -1.32 4.75
CA PRO B 261 0.90 -0.25 4.17
C PRO B 261 0.26 0.33 2.92
N PRO B 262 0.27 1.67 2.77
CA PRO B 262 -0.30 2.38 1.62
C PRO B 262 0.09 1.90 0.23
N GLY B 263 1.30 1.37 0.09
CA GLY B 263 1.74 0.91 -1.21
C GLY B 263 1.20 -0.46 -1.62
N HIS B 264 0.44 -1.10 -0.74
CA HIS B 264 -0.10 -2.42 -1.04
C HIS B 264 -1.12 -2.40 -2.18
N PRO B 265 -1.04 -3.36 -3.11
CA PRO B 265 -1.93 -3.49 -4.26
C PRO B 265 -3.43 -3.40 -3.95
N LEU B 266 -3.84 -3.93 -2.79
CA LEU B 266 -5.25 -3.91 -2.41
C LEU B 266 -5.87 -2.53 -2.48
N TYR B 267 -5.09 -1.51 -2.12
CA TYR B 267 -5.58 -0.14 -2.13
C TYR B 267 -5.83 0.38 -3.53
N ALA B 268 -5.24 -0.24 -4.54
CA ALA B 268 -5.40 0.21 -5.92
C ALA B 268 -6.49 -0.53 -6.69
N LEU B 269 -7.01 -1.61 -6.12
CA LEU B 269 -8.07 -2.37 -6.79
C LEU B 269 -9.41 -1.69 -6.52
N PRO B 270 -10.16 -1.37 -7.58
CA PRO B 270 -11.45 -0.71 -7.41
C PRO B 270 -12.52 -1.57 -6.73
N ASN B 271 -12.39 -2.90 -6.82
CA ASN B 271 -13.37 -3.80 -6.22
C ASN B 271 -12.99 -4.21 -4.81
N ALA B 272 -12.10 -3.42 -4.19
CA ALA B 272 -11.68 -3.67 -2.84
C ALA B 272 -11.95 -2.40 -2.04
N VAL B 273 -12.56 -2.55 -0.87
CA VAL B 273 -12.83 -1.41 -0.02
C VAL B 273 -12.21 -1.74 1.32
N ILE B 274 -11.25 -0.92 1.73
CA ILE B 274 -10.55 -1.14 2.99
C ILE B 274 -10.71 0.05 3.93
N THR B 275 -11.32 -0.20 5.09
CA THR B 275 -11.50 0.84 6.09
C THR B 275 -10.49 0.55 7.21
N PRO B 276 -10.00 1.62 7.88
CA PRO B 276 -9.01 1.51 8.95
C PRO B 276 -9.44 0.94 10.31
N HIS B 277 -10.00 -0.26 10.31
CA HIS B 277 -10.41 -0.92 11.55
C HIS B 277 -11.33 -0.01 12.37
N ILE B 278 -12.41 0.45 11.74
CA ILE B 278 -13.36 1.34 12.39
C ILE B 278 -14.69 0.63 12.71
N GLY B 279 -14.67 -0.69 12.79
CA GLY B 279 -15.89 -1.43 13.08
C GLY B 279 -16.69 -0.90 14.26
N SER B 280 -16.06 -0.69 15.41
CA SER B 280 -16.78 -0.20 16.59
C SER B 280 -16.76 1.32 16.73
N ALA B 281 -16.30 2.02 15.69
CA ALA B 281 -16.18 3.47 15.73
C ALA B 281 -17.46 4.30 15.69
N GLY B 282 -18.46 3.87 16.46
CA GLY B 282 -19.69 4.65 16.56
C GLY B 282 -19.41 5.48 17.81
N ARG B 283 -19.67 6.79 17.77
CA ARG B 283 -19.38 7.63 18.94
C ARG B 283 -20.00 7.10 20.22
N THR B 284 -21.29 6.79 20.17
CA THR B 284 -22.00 6.27 21.34
C THR B 284 -21.38 4.95 21.79
N THR B 285 -21.03 4.10 20.83
CA THR B 285 -20.43 2.81 21.16
C THR B 285 -19.08 2.99 21.84
N ARG B 286 -18.24 3.86 21.28
CA ARG B 286 -16.92 4.10 21.87
C ARG B 286 -17.05 4.79 23.24
N GLU B 287 -18.07 5.62 23.43
CA GLU B 287 -18.24 6.27 24.73
C GLU B 287 -18.74 5.25 25.76
N ARG B 288 -19.60 4.33 25.31
CA ARG B 288 -20.14 3.30 26.21
C ARG B 288 -19.04 2.33 26.61
N MET B 289 -18.13 2.03 25.69
CA MET B 289 -17.01 1.15 25.98
C MET B 289 -16.20 1.75 27.12
N ALA B 290 -16.07 3.07 27.13
CA ALA B 290 -15.32 3.75 28.17
C ALA B 290 -16.06 3.64 29.50
N GLU B 291 -17.37 3.80 29.45
CA GLU B 291 -18.20 3.68 30.65
C GLU B 291 -18.09 2.29 31.26
N VAL B 292 -18.10 1.27 30.40
CA VAL B 292 -18.00 -0.11 30.85
C VAL B 292 -16.61 -0.44 31.41
N ALA B 293 -15.58 0.14 30.80
CA ALA B 293 -14.21 -0.09 31.26
C ALA B 293 -14.07 0.51 32.65
N VAL B 294 -14.59 1.72 32.82
CA VAL B 294 -14.54 2.42 34.09
C VAL B 294 -15.31 1.67 35.18
N GLU B 295 -16.49 1.13 34.83
CA GLU B 295 -17.30 0.39 35.79
C GLU B 295 -16.54 -0.84 36.28
N ASN B 296 -15.95 -1.59 35.34
CA ASN B 296 -15.20 -2.78 35.68
C ASN B 296 -14.00 -2.46 36.56
N LEU B 297 -13.28 -1.38 36.21
CA LEU B 297 -12.11 -0.99 36.98
C LEU B 297 -12.51 -0.57 38.39
N LEU B 298 -13.56 0.25 38.49
CA LEU B 298 -14.05 0.70 39.79
C LEU B 298 -14.49 -0.45 40.67
N ALA B 299 -15.21 -1.40 40.08
CA ALA B 299 -15.69 -2.55 40.82
C ALA B 299 -14.52 -3.28 41.50
N VAL B 300 -13.54 -3.68 40.70
CA VAL B 300 -12.38 -4.38 41.24
C VAL B 300 -11.71 -3.58 42.35
N LEU B 301 -11.56 -2.27 42.14
CA LEU B 301 -10.93 -1.42 43.14
C LEU B 301 -11.78 -1.26 44.40
N GLU B 302 -13.09 -1.40 44.24
CA GLU B 302 -14.02 -1.27 45.36
C GLU B 302 -14.24 -2.58 46.12
N GLY B 303 -13.51 -3.61 45.73
CA GLY B 303 -13.64 -4.89 46.40
C GLY B 303 -14.87 -5.68 46.01
N ARG B 304 -15.38 -5.44 44.79
CA ARG B 304 -16.55 -6.16 44.31
C ARG B 304 -16.28 -6.80 42.96
N GLU B 305 -17.04 -7.85 42.65
CA GLU B 305 -16.87 -8.57 41.39
C GLU B 305 -17.27 -7.70 40.20
N PRO B 306 -16.37 -7.59 39.20
CA PRO B 306 -16.68 -6.77 38.02
C PRO B 306 -17.70 -7.49 37.15
N PRO B 307 -18.49 -6.73 36.37
CA PRO B 307 -19.51 -7.32 35.51
C PRO B 307 -19.01 -8.06 34.26
N ASN B 308 -17.80 -7.73 33.78
CA ASN B 308 -17.29 -8.39 32.59
C ASN B 308 -15.87 -8.95 32.71
N PRO B 309 -15.63 -9.86 33.68
CA PRO B 309 -14.29 -10.42 33.85
C PRO B 309 -13.93 -11.48 32.81
N VAL B 310 -12.64 -11.60 32.56
CA VAL B 310 -12.11 -12.59 31.63
C VAL B 310 -11.27 -13.51 32.50
N VAL B 311 -10.79 -12.94 33.61
CA VAL B 311 -9.97 -13.64 34.58
C VAL B 311 -9.74 -12.71 35.77
N MET C 1 -11.40 21.40 -24.34
CA MET C 1 -10.20 20.55 -24.58
C MET C 1 -9.94 19.64 -23.39
N ARG C 2 -9.91 18.35 -23.64
CA ARG C 2 -9.67 17.37 -22.58
C ARG C 2 -8.34 16.66 -22.76
N VAL C 3 -7.65 16.46 -21.64
CA VAL C 3 -6.36 15.79 -21.62
C VAL C 3 -6.51 14.55 -20.75
N LEU C 4 -6.11 13.39 -21.28
CA LEU C 4 -6.21 12.15 -20.53
C LEU C 4 -4.84 11.74 -19.97
N VAL C 5 -4.78 11.57 -18.66
CA VAL C 5 -3.56 11.12 -17.98
C VAL C 5 -3.93 9.70 -17.55
N THR C 6 -3.21 8.71 -18.09
CA THR C 6 -3.53 7.30 -17.83
C THR C 6 -3.31 6.72 -16.45
N ARG C 7 -2.55 7.42 -15.61
CA ARG C 7 -2.30 6.97 -14.25
C ARG C 7 -2.18 8.21 -13.37
N THR C 8 -2.38 8.05 -12.07
CA THR C 8 -2.27 9.17 -11.15
C THR C 8 -0.79 9.48 -10.98
N LEU C 9 -0.46 10.77 -10.90
CA LEU C 9 0.92 11.22 -10.77
C LEU C 9 1.17 11.90 -9.44
N PRO C 10 2.38 11.73 -8.88
CA PRO C 10 2.68 12.38 -7.60
C PRO C 10 2.90 13.86 -7.83
N GLY C 11 2.62 14.68 -6.83
CA GLY C 11 2.81 16.11 -6.98
C GLY C 11 1.59 16.79 -7.54
N LYS C 12 1.70 18.10 -7.78
CA LYS C 12 0.58 18.88 -8.30
C LYS C 12 0.86 19.48 -9.67
N ALA C 13 1.72 18.84 -10.46
CA ALA C 13 2.05 19.36 -11.78
C ALA C 13 0.83 19.52 -12.67
N LEU C 14 -0.17 18.66 -12.49
CA LEU C 14 -1.37 18.70 -13.31
C LEU C 14 -2.24 19.94 -13.12
N ASP C 15 -2.11 20.59 -11.97
CA ASP C 15 -2.89 21.79 -11.70
C ASP C 15 -2.60 22.88 -12.71
N ARG C 16 -1.38 22.88 -13.25
CA ARG C 16 -1.00 23.88 -14.24
C ARG C 16 -1.96 23.76 -15.42
N LEU C 17 -2.23 22.54 -15.87
CA LEU C 17 -3.15 22.31 -16.97
C LEU C 17 -4.56 22.78 -16.63
N ARG C 18 -4.99 22.49 -15.40
CA ARG C 18 -6.32 22.88 -14.94
C ARG C 18 -6.45 24.41 -14.87
N GLU C 19 -5.40 25.07 -14.43
CA GLU C 19 -5.41 26.54 -14.32
C GLU C 19 -5.54 27.17 -15.71
N ARG C 20 -5.16 26.42 -16.74
CA ARG C 20 -5.24 26.92 -18.10
C ARG C 20 -6.61 26.69 -18.72
N GLY C 21 -7.52 26.11 -17.95
CA GLY C 21 -8.86 25.87 -18.46
C GLY C 21 -9.04 24.55 -19.17
N LEU C 22 -8.03 23.69 -19.12
CA LEU C 22 -8.11 22.37 -19.76
C LEU C 22 -8.83 21.41 -18.83
N GLU C 23 -9.59 20.49 -19.41
CA GLU C 23 -10.30 19.49 -18.61
C GLU C 23 -9.32 18.35 -18.45
N VAL C 24 -9.05 17.95 -17.21
CA VAL C 24 -8.09 16.87 -16.97
C VAL C 24 -8.71 15.61 -16.39
N GLU C 25 -8.61 14.51 -17.15
CA GLU C 25 -9.13 13.23 -16.69
C GLU C 25 -7.94 12.35 -16.31
N VAL C 26 -7.90 11.93 -15.06
CA VAL C 26 -6.81 11.10 -14.57
C VAL C 26 -7.33 9.73 -14.12
N HIS C 27 -6.84 8.67 -14.75
CA HIS C 27 -7.28 7.33 -14.40
C HIS C 27 -6.63 6.78 -13.13
N ARG C 28 -7.47 6.32 -12.20
CA ARG C 28 -6.95 5.76 -10.93
C ARG C 28 -6.84 4.24 -11.03
N GLY C 29 -5.94 3.65 -10.26
CA GLY C 29 -5.77 2.22 -10.30
C GLY C 29 -4.50 1.74 -10.96
N LEU C 30 -4.24 0.44 -10.86
CA LEU C 30 -3.04 -0.15 -11.44
C LEU C 30 -3.19 -0.63 -12.87
N PHE C 31 -4.44 -0.75 -13.35
CA PHE C 31 -4.68 -1.23 -14.70
C PHE C 31 -5.56 -0.32 -15.57
N LEU C 32 -5.32 -0.35 -16.87
CA LEU C 32 -6.10 0.40 -17.85
C LEU C 32 -6.14 -0.42 -19.14
N PRO C 33 -7.10 -1.36 -19.23
CA PRO C 33 -7.23 -2.21 -20.42
C PRO C 33 -7.31 -1.39 -21.70
N LYS C 34 -6.77 -1.91 -22.79
CA LYS C 34 -6.79 -1.19 -24.05
C LYS C 34 -8.21 -0.77 -24.44
N ALA C 35 -9.17 -1.68 -24.25
CA ALA C 35 -10.56 -1.37 -24.57
C ALA C 35 -11.02 -0.14 -23.81
N GLU C 36 -10.52 0.00 -22.57
CA GLU C 36 -10.86 1.12 -21.72
C GLU C 36 -10.15 2.39 -22.19
N LEU C 37 -8.89 2.24 -22.59
CA LEU C 37 -8.10 3.36 -23.08
C LEU C 37 -8.79 3.95 -24.31
N LEU C 38 -9.13 3.08 -25.25
CA LEU C 38 -9.79 3.49 -26.48
C LEU C 38 -11.04 4.31 -26.17
N LYS C 39 -11.85 3.80 -25.24
CA LYS C 39 -13.07 4.46 -24.84
C LYS C 39 -12.82 5.87 -24.30
N ARG C 40 -11.79 6.02 -23.47
CA ARG C 40 -11.49 7.32 -22.88
C ARG C 40 -10.65 8.29 -23.70
N VAL C 41 -9.84 7.79 -24.62
CA VAL C 41 -9.00 8.69 -25.42
C VAL C 41 -9.80 9.43 -26.50
N GLU C 42 -10.95 8.87 -26.87
CA GLU C 42 -11.80 9.48 -27.89
C GLU C 42 -12.16 10.92 -27.54
N GLY C 43 -11.83 11.85 -28.43
CA GLY C 43 -12.14 13.25 -28.17
C GLY C 43 -11.08 13.99 -27.38
N ALA C 44 -10.05 13.29 -26.90
CA ALA C 44 -8.98 13.92 -26.14
C ALA C 44 -7.98 14.60 -27.08
N VAL C 45 -7.51 15.78 -26.70
CA VAL C 45 -6.56 16.53 -27.53
C VAL C 45 -5.12 16.26 -27.11
N GLY C 46 -4.97 15.76 -25.89
CA GLY C 46 -3.64 15.45 -25.37
C GLY C 46 -3.69 14.19 -24.53
N LEU C 47 -2.57 13.48 -24.48
CA LEU C 47 -2.49 12.23 -23.72
C LEU C 47 -1.14 12.10 -23.02
N ILE C 48 -1.17 11.75 -21.74
CA ILE C 48 0.06 11.55 -20.97
C ILE C 48 0.01 10.09 -20.54
N PRO C 49 0.70 9.21 -21.27
CA PRO C 49 0.70 7.78 -20.94
C PRO C 49 1.95 7.33 -20.19
N THR C 50 1.92 6.08 -19.77
CA THR C 50 3.04 5.47 -19.06
C THR C 50 3.49 4.29 -19.91
N VAL C 51 4.60 3.66 -19.53
CA VAL C 51 5.11 2.51 -20.25
C VAL C 51 4.12 1.34 -20.25
N GLU C 52 3.09 1.43 -19.41
CA GLU C 52 2.09 0.36 -19.33
C GLU C 52 1.03 0.49 -20.43
N ASP C 53 0.98 1.64 -21.08
CA ASP C 53 -0.02 1.90 -22.12
C ASP C 53 0.54 1.88 -23.54
N ARG C 54 0.15 0.85 -24.30
CA ARG C 54 0.60 0.73 -25.67
C ARG C 54 -0.19 1.64 -26.59
N ILE C 55 0.46 2.73 -27.01
CA ILE C 55 -0.16 3.72 -27.87
C ILE C 55 0.17 3.43 -29.33
N ASP C 56 -0.73 2.71 -30.01
CA ASP C 56 -0.53 2.35 -31.41
C ASP C 56 -1.47 3.15 -32.32
N ALA C 57 -1.47 2.79 -33.60
CA ALA C 57 -2.32 3.45 -34.59
C ALA C 57 -3.79 3.40 -34.21
N GLU C 58 -4.23 2.26 -33.68
CA GLU C 58 -5.61 2.10 -33.27
C GLU C 58 -6.01 3.17 -32.25
N VAL C 59 -5.15 3.40 -31.26
CA VAL C 59 -5.45 4.40 -30.25
C VAL C 59 -5.50 5.80 -30.85
N MET C 60 -4.54 6.09 -31.72
CA MET C 60 -4.45 7.39 -32.36
C MET C 60 -5.67 7.70 -33.22
N ASP C 61 -6.10 6.73 -34.02
CA ASP C 61 -7.25 6.95 -34.89
C ASP C 61 -8.56 7.07 -34.11
N ARG C 62 -8.60 6.49 -32.92
CA ARG C 62 -9.81 6.54 -32.11
C ARG C 62 -9.97 7.92 -31.49
N ALA C 63 -8.86 8.56 -31.18
CA ALA C 63 -8.88 9.88 -30.56
C ALA C 63 -9.52 10.91 -31.49
N LYS C 64 -9.20 10.83 -32.77
CA LYS C 64 -9.75 11.76 -33.76
C LYS C 64 -9.59 13.22 -33.35
N GLY C 65 -8.34 13.67 -33.22
CA GLY C 65 -8.11 15.05 -32.82
C GLY C 65 -6.96 15.19 -31.85
N LEU C 66 -6.29 14.08 -31.56
CA LEU C 66 -5.15 14.08 -30.64
C LEU C 66 -4.00 14.86 -31.27
N LYS C 67 -3.46 15.82 -30.53
CA LYS C 67 -2.36 16.63 -31.03
C LYS C 67 -0.99 16.29 -30.43
N VAL C 68 -1.00 15.73 -29.21
CA VAL C 68 0.26 15.39 -28.56
C VAL C 68 0.21 14.23 -27.56
N ILE C 69 1.24 13.40 -27.62
CA ILE C 69 1.40 12.26 -26.73
C ILE C 69 2.64 12.59 -25.90
N ALA C 70 2.41 13.14 -24.72
CA ALA C 70 3.49 13.54 -23.82
C ALA C 70 3.82 12.41 -22.86
N CYS C 71 4.77 11.56 -23.25
CA CYS C 71 5.17 10.42 -22.44
C CYS C 71 5.71 10.77 -21.06
N TYR C 72 5.23 10.03 -20.06
CA TYR C 72 5.69 10.20 -18.69
C TYR C 72 6.74 9.10 -18.54
N SER C 73 7.87 9.29 -19.22
CA SER C 73 8.97 8.33 -19.19
C SER C 73 10.01 8.76 -20.21
N VAL C 74 11.19 8.16 -20.16
CA VAL C 74 12.24 8.49 -21.11
C VAL C 74 12.17 7.52 -22.29
N GLY C 75 11.86 6.25 -22.01
CA GLY C 75 11.75 5.27 -23.07
C GLY C 75 10.42 5.44 -23.78
N VAL C 76 10.40 5.22 -25.10
CA VAL C 76 9.17 5.36 -25.90
C VAL C 76 8.90 4.16 -26.80
N ASP C 77 9.48 3.01 -26.49
CA ASP C 77 9.28 1.82 -27.29
C ASP C 77 7.83 1.31 -27.27
N HIS C 78 7.02 1.87 -26.37
CA HIS C 78 5.62 1.46 -26.28
C HIS C 78 4.71 2.33 -27.16
N VAL C 79 5.31 3.31 -27.85
CA VAL C 79 4.54 4.20 -28.72
C VAL C 79 4.98 4.03 -30.18
N ASP C 80 4.02 3.89 -31.09
CA ASP C 80 4.32 3.75 -32.51
C ASP C 80 4.66 5.14 -33.04
N LEU C 81 5.94 5.50 -33.00
CA LEU C 81 6.39 6.81 -33.44
C LEU C 81 6.03 7.15 -34.89
N GLU C 82 6.16 6.17 -35.78
CA GLU C 82 5.85 6.42 -37.17
C GLU C 82 4.35 6.64 -37.42
N ALA C 83 3.50 6.00 -36.63
CA ALA C 83 2.06 6.17 -36.79
C ALA C 83 1.71 7.62 -36.41
N ALA C 84 2.33 8.10 -35.34
CA ALA C 84 2.12 9.46 -34.87
C ALA C 84 2.60 10.49 -35.90
N ARG C 85 3.77 10.24 -36.45
CA ARG C 85 4.33 11.16 -37.43
C ARG C 85 3.43 11.30 -38.65
N GLU C 86 2.96 10.18 -39.18
CA GLU C 86 2.11 10.21 -40.36
C GLU C 86 0.74 10.82 -40.09
N ARG C 87 0.39 10.99 -38.81
CA ARG C 87 -0.89 11.59 -38.45
C ARG C 87 -0.69 13.01 -37.96
N GLY C 88 0.56 13.47 -37.98
CA GLY C 88 0.86 14.82 -37.53
C GLY C 88 0.79 14.99 -36.02
N ILE C 89 0.86 13.88 -35.29
CA ILE C 89 0.79 13.94 -33.83
C ILE C 89 2.20 14.04 -33.24
N ARG C 90 2.39 15.00 -32.34
CA ARG C 90 3.69 15.17 -31.70
C ARG C 90 3.85 14.19 -30.54
N VAL C 91 5.08 13.72 -30.33
CA VAL C 91 5.38 12.81 -29.24
C VAL C 91 6.60 13.37 -28.49
N THR C 92 6.50 13.45 -27.17
CA THR C 92 7.59 13.96 -26.34
C THR C 92 7.84 12.97 -25.21
N HIS C 93 8.89 13.20 -24.44
CA HIS C 93 9.22 12.33 -23.32
C HIS C 93 9.87 13.13 -22.19
N THR C 94 10.39 12.44 -21.19
CA THR C 94 11.00 13.13 -20.05
C THR C 94 12.43 12.70 -19.74
N PRO C 95 13.38 13.12 -20.59
CA PRO C 95 14.79 12.76 -20.38
C PRO C 95 15.42 13.73 -19.37
N GLY C 96 16.61 13.38 -18.88
CA GLY C 96 17.31 14.24 -17.94
C GLY C 96 16.82 14.26 -16.52
N VAL C 97 15.53 14.55 -16.34
CA VAL C 97 14.94 14.63 -15.01
C VAL C 97 15.03 13.34 -14.20
N LEU C 98 15.11 12.19 -14.86
CA LEU C 98 15.18 10.91 -14.17
C LEU C 98 16.56 10.26 -14.19
N THR C 99 17.54 10.95 -14.78
CA THR C 99 18.90 10.46 -14.90
C THR C 99 19.56 10.04 -13.58
N GLU C 100 19.61 10.97 -12.63
CA GLU C 100 20.25 10.69 -11.35
C GLU C 100 19.56 9.59 -10.54
N ALA C 101 18.22 9.59 -10.55
CA ALA C 101 17.49 8.58 -9.80
C ALA C 101 17.75 7.18 -10.35
N THR C 102 17.78 7.06 -11.68
CA THR C 102 18.00 5.76 -12.30
C THR C 102 19.42 5.29 -12.05
N ALA C 103 20.37 6.22 -12.08
CA ALA C 103 21.76 5.88 -11.84
C ALA C 103 21.90 5.38 -10.40
N ASP C 104 21.20 6.03 -9.47
CA ASP C 104 21.24 5.64 -8.06
C ASP C 104 20.75 4.20 -7.85
N LEU C 105 19.63 3.87 -8.47
CA LEU C 105 19.03 2.55 -8.35
C LEU C 105 19.95 1.50 -8.98
N THR C 106 20.59 1.85 -10.08
CA THR C 106 21.51 0.93 -10.75
C THR C 106 22.63 0.56 -9.78
N LEU C 107 23.20 1.57 -9.11
CA LEU C 107 24.27 1.31 -8.14
C LEU C 107 23.72 0.54 -6.94
N ALA C 108 22.48 0.83 -6.55
CA ALA C 108 21.86 0.14 -5.43
C ALA C 108 21.80 -1.37 -5.73
N LEU C 109 21.40 -1.70 -6.95
CA LEU C 109 21.30 -3.10 -7.36
C LEU C 109 22.67 -3.77 -7.42
N LEU C 110 23.67 -3.04 -7.92
CA LEU C 110 25.01 -3.59 -7.98
C LEU C 110 25.50 -3.97 -6.58
N LEU C 111 25.35 -3.04 -5.64
CA LEU C 111 25.77 -3.28 -4.26
C LEU C 111 24.92 -4.38 -3.62
N ALA C 112 23.62 -4.39 -3.92
CA ALA C 112 22.73 -5.40 -3.37
C ALA C 112 23.17 -6.80 -3.82
N VAL C 113 23.53 -6.94 -5.09
CA VAL C 113 23.99 -8.23 -5.59
C VAL C 113 25.40 -8.55 -5.11
N ALA C 114 26.34 -7.65 -5.40
CA ALA C 114 27.74 -7.85 -5.05
C ALA C 114 27.95 -8.16 -3.57
N ARG C 115 27.24 -7.45 -2.69
CA ARG C 115 27.39 -7.67 -1.26
C ARG C 115 26.27 -8.50 -0.61
N ARG C 116 25.44 -9.13 -1.43
CA ARG C 116 24.38 -10.01 -0.93
C ARG C 116 23.57 -9.38 0.21
N VAL C 117 23.12 -8.15 0.01
CA VAL C 117 22.36 -7.43 1.02
C VAL C 117 20.94 -7.94 1.24
N VAL C 118 20.22 -8.20 0.15
CA VAL C 118 18.84 -8.68 0.26
C VAL C 118 18.87 -10.07 0.89
N GLU C 119 19.84 -10.87 0.47
CA GLU C 119 20.01 -12.22 0.99
C GLU C 119 20.41 -12.15 2.47
N GLY C 120 21.27 -11.19 2.81
CA GLY C 120 21.72 -11.04 4.19
C GLY C 120 20.58 -10.63 5.11
N ALA C 121 19.74 -9.73 4.61
CA ALA C 121 18.59 -9.27 5.38
C ALA C 121 17.67 -10.45 5.70
N ALA C 122 17.49 -11.33 4.72
CA ALA C 122 16.65 -12.51 4.89
C ALA C 122 17.26 -13.46 5.92
N TYR C 123 18.58 -13.60 5.86
CA TYR C 123 19.34 -14.46 6.77
C TYR C 123 19.09 -14.05 8.22
N ALA C 124 19.16 -12.75 8.49
CA ALA C 124 18.93 -12.23 9.84
C ALA C 124 17.47 -12.35 10.24
N ARG C 125 16.59 -12.00 9.30
CA ARG C 125 15.15 -12.03 9.52
C ARG C 125 14.64 -13.45 9.80
N ASP C 126 15.18 -14.44 9.09
CA ASP C 126 14.76 -15.81 9.28
C ASP C 126 15.30 -16.49 10.54
N GLY C 127 16.17 -15.79 11.26
CA GLY C 127 16.71 -16.36 12.49
C GLY C 127 17.95 -17.24 12.35
N LEU C 128 18.67 -17.12 11.24
CA LEU C 128 19.87 -17.93 11.05
C LEU C 128 21.12 -17.23 11.57
N TRP C 129 20.99 -15.94 11.89
CA TRP C 129 22.11 -15.15 12.38
C TRP C 129 22.43 -15.49 13.83
N LYS C 130 23.49 -16.27 14.03
CA LYS C 130 23.88 -16.69 15.37
C LYS C 130 25.28 -16.22 15.76
N ALA C 131 26.08 -15.79 14.80
CA ALA C 131 27.42 -15.31 15.09
C ALA C 131 28.11 -14.72 13.88
N TRP C 132 29.21 -14.01 14.14
CA TRP C 132 30.02 -13.41 13.08
C TRP C 132 30.99 -14.53 12.67
N HIS C 133 31.26 -14.66 11.38
CA HIS C 133 32.19 -15.70 10.92
C HIS C 133 32.97 -15.19 9.70
N PRO C 134 34.26 -15.54 9.61
CA PRO C 134 35.10 -15.12 8.48
C PRO C 134 34.56 -15.45 7.10
N GLU C 135 33.79 -16.53 6.99
CA GLU C 135 33.25 -16.94 5.69
C GLU C 135 31.73 -16.78 5.52
N LEU C 136 31.10 -16.01 6.38
CA LEU C 136 29.65 -15.82 6.27
C LEU C 136 29.28 -14.77 5.23
N LEU C 137 28.40 -15.15 4.30
CA LEU C 137 27.90 -14.26 3.26
C LEU C 137 28.95 -13.45 2.50
N LEU C 138 30.01 -14.11 2.04
CA LEU C 138 31.08 -13.45 1.31
C LEU C 138 30.61 -12.96 -0.05
N GLY C 139 30.95 -11.72 -0.39
CA GLY C 139 30.53 -11.16 -1.67
C GLY C 139 31.70 -10.73 -2.53
N LEU C 140 31.45 -9.82 -3.46
CA LEU C 140 32.48 -9.32 -4.37
C LEU C 140 32.89 -7.88 -4.05
N ASP C 141 34.18 -7.66 -3.85
CA ASP C 141 34.67 -6.30 -3.58
C ASP C 141 34.72 -5.58 -4.93
N LEU C 142 34.12 -4.41 -5.01
CA LEU C 142 34.08 -3.67 -6.27
C LEU C 142 35.39 -2.98 -6.68
N GLN C 143 36.27 -2.73 -5.72
CA GLN C 143 37.53 -2.06 -6.03
C GLN C 143 38.40 -2.79 -7.05
N GLY C 144 38.81 -2.06 -8.10
CA GLY C 144 39.64 -2.65 -9.13
C GLY C 144 38.88 -3.38 -10.23
N LEU C 145 37.58 -3.56 -10.04
CA LEU C 145 36.76 -4.24 -11.03
C LEU C 145 36.39 -3.32 -12.20
N THR C 146 36.17 -3.90 -13.37
CA THR C 146 35.80 -3.12 -14.54
C THR C 146 34.29 -3.15 -14.79
N LEU C 147 33.73 -1.97 -14.94
CA LEU C 147 32.31 -1.82 -15.22
C LEU C 147 32.20 -1.47 -16.70
N GLY C 148 31.46 -2.30 -17.45
CA GLY C 148 31.27 -2.06 -18.86
C GLY C 148 29.85 -1.59 -19.11
N LEU C 149 29.70 -0.39 -19.66
CA LEU C 149 28.38 0.13 -19.95
C LEU C 149 28.02 -0.03 -21.43
N VAL C 150 26.89 -0.68 -21.71
CA VAL C 150 26.51 -0.83 -23.06
C VAL C 150 25.40 0.21 -23.28
N GLY C 151 25.84 1.31 -23.91
CA GLY C 151 24.97 2.45 -24.12
C GLY C 151 25.54 3.48 -23.15
N MET C 152 25.93 4.64 -23.66
CA MET C 152 26.52 5.66 -22.82
C MET C 152 25.85 7.02 -22.90
N GLY C 153 24.53 7.05 -22.69
CA GLY C 153 23.83 8.32 -22.71
C GLY C 153 23.98 8.97 -21.34
N ARG C 154 23.00 9.78 -20.95
CA ARG C 154 23.05 10.47 -19.68
C ARG C 154 23.11 9.54 -18.48
N ILE C 155 22.30 8.50 -18.50
CA ILE C 155 22.25 7.56 -17.38
C ILE C 155 23.55 6.75 -17.26
N GLY C 156 24.02 6.24 -18.39
CA GLY C 156 25.26 5.48 -18.37
C GLY C 156 26.40 6.32 -17.83
N GLN C 157 26.46 7.58 -18.23
CA GLN C 157 27.50 8.47 -17.76
C GLN C 157 27.35 8.77 -16.27
N ALA C 158 26.11 8.87 -15.81
CA ALA C 158 25.83 9.13 -14.39
C ALA C 158 26.25 7.90 -13.57
N VAL C 159 26.03 6.72 -14.13
CA VAL C 159 26.41 5.48 -13.46
C VAL C 159 27.93 5.39 -13.38
N ALA C 160 28.61 5.72 -14.48
CA ALA C 160 30.07 5.68 -14.50
C ALA C 160 30.68 6.59 -13.44
N LYS C 161 30.13 7.78 -13.27
CA LYS C 161 30.63 8.73 -12.28
C LYS C 161 30.58 8.14 -10.87
N ARG C 162 29.48 7.46 -10.55
CA ARG C 162 29.32 6.84 -9.24
C ARG C 162 30.27 5.65 -9.06
N ALA C 163 30.37 4.82 -10.10
CA ALA C 163 31.23 3.65 -10.05
C ALA C 163 32.68 4.02 -9.75
N LEU C 164 33.15 5.11 -10.35
CA LEU C 164 34.53 5.56 -10.13
C LEU C 164 34.83 5.80 -8.65
N ALA C 165 33.84 6.30 -7.91
CA ALA C 165 34.02 6.57 -6.48
C ALA C 165 34.17 5.30 -5.67
N PHE C 166 33.70 4.18 -6.22
CA PHE C 166 33.81 2.89 -5.53
C PHE C 166 35.11 2.19 -5.90
N GLY C 167 35.94 2.86 -6.69
CA GLY C 167 37.20 2.28 -7.08
C GLY C 167 37.14 1.42 -8.32
N MET C 168 36.07 1.57 -9.10
CA MET C 168 35.92 0.79 -10.31
C MET C 168 36.49 1.47 -11.55
N ARG C 169 36.82 0.64 -12.54
CA ARG C 169 37.35 1.08 -13.80
C ARG C 169 36.15 1.08 -14.75
N VAL C 170 36.07 2.06 -15.64
CA VAL C 170 34.94 2.14 -16.56
C VAL C 170 35.32 2.06 -18.03
N VAL C 171 34.58 1.22 -18.77
CA VAL C 171 34.76 1.06 -20.20
C VAL C 171 33.35 1.04 -20.77
N TYR C 172 33.19 1.28 -22.07
CA TYR C 172 31.84 1.29 -22.63
C TYR C 172 31.78 1.00 -24.12
N HIS C 173 30.57 0.69 -24.57
CA HIS C 173 30.32 0.42 -25.98
C HIS C 173 29.10 1.23 -26.38
N ALA C 174 29.11 1.74 -27.60
CA ALA C 174 28.02 2.54 -28.12
C ALA C 174 28.13 2.51 -29.64
N ARG C 175 27.16 3.10 -30.35
CA ARG C 175 27.20 3.13 -31.81
C ARG C 175 28.51 3.72 -32.30
N THR C 176 28.93 4.80 -31.67
CA THR C 176 30.17 5.47 -32.04
C THR C 176 30.82 6.04 -30.80
N PRO C 177 32.14 6.26 -30.84
CA PRO C 177 32.87 6.80 -29.70
C PRO C 177 32.31 8.15 -29.28
N LYS C 178 32.49 8.50 -28.01
CA LYS C 178 32.01 9.77 -27.52
C LYS C 178 33.13 10.49 -26.76
N PRO C 179 33.05 11.83 -26.67
CA PRO C 179 34.09 12.59 -25.98
C PRO C 179 34.09 12.30 -24.48
N LEU C 180 34.49 11.09 -24.13
CA LEU C 180 34.53 10.67 -22.74
C LEU C 180 35.89 10.09 -22.36
N PRO C 181 36.29 10.24 -21.09
CA PRO C 181 37.57 9.75 -20.57
C PRO C 181 37.56 8.26 -20.23
N TYR C 182 36.91 7.46 -21.06
CA TYR C 182 36.84 6.01 -20.84
C TYR C 182 37.14 5.25 -22.14
N PRO C 183 37.74 4.05 -22.02
CA PRO C 183 38.05 3.24 -23.19
C PRO C 183 36.77 2.87 -23.95
N PHE C 184 36.79 3.01 -25.27
CA PHE C 184 35.66 2.67 -26.11
C PHE C 184 35.93 1.28 -26.67
N LEU C 185 35.00 0.35 -26.47
CA LEU C 185 35.18 -1.02 -26.94
C LEU C 185 34.02 -1.54 -27.75
N SER C 186 34.25 -2.63 -28.47
CA SER C 186 33.20 -3.27 -29.25
C SER C 186 32.40 -4.05 -28.20
N LEU C 187 31.16 -4.42 -28.53
CA LEU C 187 30.35 -5.17 -27.58
C LEU C 187 31.11 -6.43 -27.15
N GLU C 188 31.66 -7.14 -28.13
CA GLU C 188 32.41 -8.36 -27.87
C GLU C 188 33.56 -8.14 -26.89
N GLU C 189 34.36 -7.10 -27.11
CA GLU C 189 35.49 -6.80 -26.24
C GLU C 189 35.01 -6.47 -24.82
N LEU C 190 33.92 -5.70 -24.72
CA LEU C 190 33.39 -5.31 -23.42
C LEU C 190 32.95 -6.52 -22.60
N LEU C 191 32.15 -7.38 -23.21
CA LEU C 191 31.66 -8.58 -22.52
C LEU C 191 32.79 -9.45 -22.01
N LYS C 192 33.86 -9.52 -22.78
CA LYS C 192 35.01 -10.34 -22.41
C LYS C 192 35.80 -9.82 -21.21
N GLU C 193 36.04 -8.51 -21.14
CA GLU C 193 36.84 -7.99 -20.04
C GLU C 193 36.11 -7.35 -18.85
N ALA C 194 34.82 -7.07 -18.99
CA ALA C 194 34.07 -6.45 -17.89
C ALA C 194 33.72 -7.42 -16.76
N ASP C 195 33.74 -6.91 -15.52
CA ASP C 195 33.39 -7.73 -14.36
C ASP C 195 31.93 -7.48 -14.06
N VAL C 196 31.45 -6.32 -14.47
CA VAL C 196 30.06 -5.93 -14.29
C VAL C 196 29.59 -5.30 -15.58
N VAL C 197 28.53 -5.85 -16.15
CA VAL C 197 27.95 -5.35 -17.39
C VAL C 197 26.61 -4.70 -17.06
N SER C 198 26.44 -3.44 -17.43
CA SER C 198 25.19 -2.73 -17.17
C SER C 198 24.58 -2.18 -18.46
N LEU C 199 23.30 -2.49 -18.68
CA LEU C 199 22.62 -2.04 -19.90
C LEU C 199 21.98 -0.67 -19.74
N HIS C 200 22.19 0.20 -20.73
CA HIS C 200 21.66 1.55 -20.71
C HIS C 200 21.35 1.99 -22.12
N THR C 201 20.70 1.12 -22.87
CA THR C 201 20.36 1.40 -24.25
C THR C 201 18.86 1.20 -24.48
N PRO C 202 18.26 2.00 -25.37
CA PRO C 202 16.84 1.89 -25.67
C PRO C 202 16.50 0.57 -26.37
N LEU C 203 15.25 0.13 -26.22
CA LEU C 203 14.81 -1.10 -26.86
C LEU C 203 14.33 -0.81 -28.28
N THR C 204 14.93 -1.51 -29.24
CA THR C 204 14.59 -1.36 -30.66
C THR C 204 14.72 -2.74 -31.28
N PRO C 205 14.27 -2.91 -32.53
CA PRO C 205 14.38 -4.23 -33.17
C PRO C 205 15.82 -4.76 -33.17
N GLU C 206 16.79 -3.85 -33.16
CA GLU C 206 18.19 -4.26 -33.18
C GLU C 206 18.74 -4.60 -31.78
N THR C 207 18.16 -4.02 -30.73
CA THR C 207 18.64 -4.31 -29.38
C THR C 207 17.80 -5.38 -28.68
N HIS C 208 16.77 -5.87 -29.38
CA HIS C 208 15.91 -6.90 -28.81
C HIS C 208 16.75 -8.16 -28.58
N ARG C 209 16.78 -8.62 -27.33
CA ARG C 209 17.54 -9.81 -26.95
C ARG C 209 19.03 -9.62 -27.21
N LEU C 210 19.51 -8.38 -27.04
CA LEU C 210 20.92 -8.06 -27.24
C LEU C 210 21.75 -9.02 -26.39
N LEU C 211 21.35 -9.19 -25.13
CA LEU C 211 22.05 -10.09 -24.24
C LEU C 211 21.41 -11.46 -24.33
N ASN C 212 21.77 -12.20 -25.37
CA ASN C 212 21.24 -13.52 -25.61
C ASN C 212 22.09 -14.57 -24.88
N ARG C 213 21.69 -15.84 -25.03
CA ARG C 213 22.39 -16.93 -24.38
C ARG C 213 23.88 -16.91 -24.66
N GLU C 214 24.25 -16.77 -25.93
CA GLU C 214 25.66 -16.75 -26.31
C GLU C 214 26.45 -15.65 -25.61
N ARG C 215 25.89 -14.45 -25.56
CA ARG C 215 26.57 -13.33 -24.92
C ARG C 215 26.61 -13.43 -23.40
N LEU C 216 25.55 -13.97 -22.81
CA LEU C 216 25.51 -14.13 -21.36
C LEU C 216 26.63 -15.08 -20.92
N PHE C 217 26.86 -16.14 -21.68
CA PHE C 217 27.91 -17.08 -21.34
C PHE C 217 29.28 -16.62 -21.84
N ALA C 218 29.30 -15.50 -22.57
CA ALA C 218 30.54 -14.91 -23.09
C ALA C 218 31.08 -14.02 -21.98
N MET C 219 30.19 -13.60 -21.07
CA MET C 219 30.62 -12.77 -19.96
C MET C 219 31.53 -13.64 -19.09
N LYS C 220 32.34 -13.00 -18.25
CA LYS C 220 33.26 -13.71 -17.37
C LYS C 220 32.52 -14.58 -16.37
N ARG C 221 33.13 -15.71 -16.02
CA ARG C 221 32.53 -16.54 -14.99
C ARG C 221 32.71 -15.66 -13.76
N GLY C 222 31.66 -15.45 -12.98
CA GLY C 222 31.78 -14.61 -11.80
C GLY C 222 31.43 -13.16 -12.06
N ALA C 223 30.97 -12.85 -13.26
CA ALA C 223 30.60 -11.48 -13.59
C ALA C 223 29.19 -11.18 -13.10
N ILE C 224 28.85 -9.90 -13.05
CA ILE C 224 27.52 -9.48 -12.63
C ILE C 224 26.83 -8.75 -13.79
N LEU C 225 25.55 -9.01 -13.99
CA LEU C 225 24.79 -8.34 -15.03
C LEU C 225 23.77 -7.41 -14.37
N LEU C 226 23.68 -6.18 -14.86
CA LEU C 226 22.72 -5.22 -14.32
C LEU C 226 21.81 -4.77 -15.46
N ASN C 227 20.52 -4.68 -15.19
CA ASN C 227 19.60 -4.23 -16.21
C ASN C 227 18.50 -3.36 -15.61
N THR C 228 18.60 -2.07 -15.88
CA THR C 228 17.64 -1.09 -15.41
C THR C 228 17.05 -0.37 -16.62
N ALA C 229 17.36 -0.88 -17.82
CA ALA C 229 16.86 -0.28 -19.07
C ALA C 229 15.51 -0.86 -19.49
N ARG C 230 15.55 -1.92 -20.29
CA ARG C 230 14.33 -2.58 -20.74
C ARG C 230 14.51 -4.09 -20.62
N GLY C 231 13.49 -4.77 -20.10
CA GLY C 231 13.55 -6.21 -19.92
C GLY C 231 13.83 -7.07 -21.16
N ALA C 232 13.25 -6.68 -22.30
CA ALA C 232 13.42 -7.43 -23.54
C ALA C 232 14.84 -7.42 -24.10
N LEU C 233 15.74 -6.68 -23.46
CA LEU C 233 17.13 -6.60 -23.90
C LEU C 233 17.88 -7.87 -23.52
N VAL C 234 17.28 -8.65 -22.62
CA VAL C 234 17.90 -9.87 -22.12
C VAL C 234 17.04 -11.12 -22.30
N ASP C 235 17.68 -12.24 -22.62
CA ASP C 235 16.97 -13.50 -22.75
C ASP C 235 16.85 -13.99 -21.31
N THR C 236 15.71 -13.73 -20.71
CA THR C 236 15.44 -14.11 -19.32
C THR C 236 15.68 -15.58 -18.99
N GLU C 237 15.26 -16.47 -19.88
CA GLU C 237 15.41 -17.90 -19.64
C GLU C 237 16.88 -18.31 -19.65
N ALA C 238 17.65 -17.75 -20.57
CA ALA C 238 19.08 -18.04 -20.64
C ALA C 238 19.76 -17.44 -19.41
N LEU C 239 19.24 -16.31 -18.92
CA LEU C 239 19.83 -15.69 -17.74
C LEU C 239 19.74 -16.66 -16.56
N VAL C 240 18.62 -17.36 -16.43
CA VAL C 240 18.44 -18.31 -15.34
C VAL C 240 19.54 -19.37 -15.37
N GLU C 241 19.76 -19.94 -16.55
CA GLU C 241 20.77 -20.98 -16.71
C GLU C 241 22.16 -20.44 -16.35
N ALA C 242 22.45 -19.21 -16.79
CA ALA C 242 23.73 -18.59 -16.51
C ALA C 242 23.95 -18.30 -15.02
N LEU C 243 22.86 -18.01 -14.31
CA LEU C 243 22.94 -17.71 -12.89
C LEU C 243 23.12 -18.93 -12.01
N ARG C 244 22.75 -20.10 -12.51
CA ARG C 244 22.90 -21.30 -11.70
C ARG C 244 24.35 -21.65 -11.42
N GLY C 245 25.25 -21.38 -12.36
CA GLY C 245 26.64 -21.72 -12.12
C GLY C 245 27.72 -20.97 -12.87
N HIS C 246 27.36 -19.95 -13.64
CA HIS C 246 28.35 -19.18 -14.38
C HIS C 246 28.55 -17.77 -13.85
N LEU C 247 27.51 -16.95 -13.92
CA LEU C 247 27.57 -15.57 -13.43
C LEU C 247 27.52 -15.50 -11.91
N PHE C 248 28.16 -14.50 -11.33
CA PHE C 248 28.12 -14.32 -9.89
C PHE C 248 26.68 -13.99 -9.51
N GLY C 249 26.06 -13.11 -10.28
CA GLY C 249 24.69 -12.70 -9.99
C GLY C 249 24.13 -11.70 -10.98
N ALA C 250 22.92 -11.23 -10.73
CA ALA C 250 22.27 -10.27 -11.59
C ALA C 250 21.33 -9.36 -10.82
N GLY C 251 21.37 -8.07 -11.15
CA GLY C 251 20.51 -7.09 -10.51
C GLY C 251 19.59 -6.57 -11.59
N LEU C 252 18.30 -6.90 -11.50
CA LEU C 252 17.35 -6.48 -12.53
C LEU C 252 16.23 -5.60 -12.02
N ASP C 253 16.02 -4.47 -12.69
CA ASP C 253 14.93 -3.58 -12.31
C ASP C 253 13.85 -3.76 -13.38
N VAL C 254 14.21 -4.45 -14.46
CA VAL C 254 13.28 -4.71 -15.55
C VAL C 254 13.42 -6.17 -15.96
N THR C 255 12.34 -6.74 -16.44
CA THR C 255 12.35 -8.15 -16.83
C THR C 255 11.45 -8.41 -18.02
N ASP C 256 11.51 -9.63 -18.53
CA ASP C 256 10.68 -10.04 -19.65
C ASP C 256 10.27 -11.49 -19.36
N PRO C 257 8.97 -11.74 -19.12
CA PRO C 257 7.90 -10.75 -19.11
C PRO C 257 7.97 -9.84 -17.87
N GLU C 258 7.19 -8.77 -17.90
CA GLU C 258 7.13 -7.81 -16.82
C GLU C 258 5.65 -7.50 -16.58
N PRO C 259 5.17 -7.69 -15.34
CA PRO C 259 5.94 -8.18 -14.18
C PRO C 259 6.36 -9.63 -14.37
N LEU C 260 7.41 -10.04 -13.67
CA LEU C 260 7.87 -11.42 -13.75
C LEU C 260 7.07 -12.18 -12.69
N PRO C 261 6.24 -13.17 -13.11
CA PRO C 261 5.42 -13.97 -12.20
C PRO C 261 6.25 -14.51 -11.03
N PRO C 262 5.66 -14.57 -9.83
CA PRO C 262 6.35 -15.05 -8.63
C PRO C 262 6.85 -16.50 -8.64
N GLY C 263 6.30 -17.32 -9.52
CA GLY C 263 6.73 -18.70 -9.60
C GLY C 263 7.93 -18.89 -10.52
N HIS C 264 8.36 -17.80 -11.15
CA HIS C 264 9.50 -17.85 -12.07
C HIS C 264 10.78 -18.25 -11.32
N PRO C 265 11.60 -19.12 -11.93
CA PRO C 265 12.87 -19.62 -11.37
C PRO C 265 13.83 -18.56 -10.84
N LEU C 266 13.80 -17.36 -11.41
CA LEU C 266 14.71 -16.30 -10.95
C LEU C 266 14.49 -15.92 -9.48
N TYR C 267 13.25 -16.02 -9.02
CA TYR C 267 12.94 -15.67 -7.64
C TYR C 267 13.52 -16.67 -6.66
N ALA C 268 13.91 -17.84 -7.16
CA ALA C 268 14.49 -18.88 -6.31
C ALA C 268 16.01 -18.82 -6.33
N LEU C 269 16.56 -17.93 -7.14
CA LEU C 269 18.01 -17.77 -7.21
C LEU C 269 18.39 -16.59 -6.32
N PRO C 270 19.04 -16.87 -5.18
CA PRO C 270 19.44 -15.82 -4.24
C PRO C 270 20.46 -14.81 -4.79
N ASN C 271 21.18 -15.19 -5.85
CA ASN C 271 22.17 -14.29 -6.44
C ASN C 271 21.53 -13.38 -7.48
N ALA C 272 20.20 -13.39 -7.53
CA ALA C 272 19.47 -12.52 -8.45
C ALA C 272 18.62 -11.62 -7.54
N VAL C 273 18.67 -10.32 -7.79
CA VAL C 273 17.88 -9.36 -7.02
C VAL C 273 17.01 -8.64 -8.04
N ILE C 274 15.70 -8.85 -7.92
CA ILE C 274 14.75 -8.24 -8.83
C ILE C 274 13.90 -7.19 -8.13
N THR C 275 13.89 -5.98 -8.68
CA THR C 275 13.07 -4.91 -8.12
C THR C 275 12.01 -4.62 -9.18
N PRO C 276 10.81 -4.21 -8.74
CA PRO C 276 9.68 -3.92 -9.63
C PRO C 276 9.73 -2.64 -10.48
N HIS C 277 10.75 -2.52 -11.31
CA HIS C 277 10.92 -1.39 -12.22
C HIS C 277 10.75 -0.03 -11.51
N ILE C 278 11.54 0.18 -10.47
CA ILE C 278 11.49 1.41 -9.68
C ILE C 278 12.70 2.32 -9.93
N GLY C 279 13.39 2.11 -11.04
CA GLY C 279 14.55 2.93 -11.36
C GLY C 279 14.38 4.43 -11.14
N SER C 280 13.29 5.01 -11.63
CA SER C 280 13.07 6.45 -11.50
C SER C 280 12.18 6.83 -10.32
N ALA C 281 11.86 5.86 -9.47
CA ALA C 281 10.97 6.07 -8.33
C ALA C 281 11.49 6.92 -7.18
N GLY C 282 12.10 8.06 -7.50
CA GLY C 282 12.53 8.99 -6.47
C GLY C 282 11.33 9.91 -6.41
N ARG C 283 10.84 10.26 -5.22
CA ARG C 283 9.65 11.11 -5.15
C ARG C 283 9.80 12.43 -5.92
N THR C 284 10.89 13.15 -5.69
CA THR C 284 11.12 14.42 -6.39
C THR C 284 11.22 14.17 -7.90
N THR C 285 11.92 13.10 -8.28
CA THR C 285 12.09 12.76 -9.69
C THR C 285 10.73 12.53 -10.38
N ARG C 286 9.87 11.74 -9.76
CA ARG C 286 8.56 11.45 -10.33
C ARG C 286 7.69 12.71 -10.41
N GLU C 287 7.83 13.62 -9.45
CA GLU C 287 7.05 14.85 -9.49
C GLU C 287 7.59 15.73 -10.61
N ARG C 288 8.91 15.71 -10.78
CA ARG C 288 9.54 16.51 -11.83
C ARG C 288 9.18 15.99 -13.22
N MET C 289 9.10 14.68 -13.37
CA MET C 289 8.73 14.08 -14.65
C MET C 289 7.33 14.56 -15.02
N ALA C 290 6.49 14.75 -14.01
CA ALA C 290 5.12 15.21 -14.23
C ALA C 290 5.14 16.64 -14.76
N GLU C 291 5.99 17.48 -14.16
CA GLU C 291 6.10 18.86 -14.60
C GLU C 291 6.61 18.92 -16.04
N VAL C 292 7.57 18.06 -16.36
CA VAL C 292 8.13 18.03 -17.70
C VAL C 292 7.13 17.52 -18.74
N ALA C 293 6.37 16.49 -18.37
CA ALA C 293 5.37 15.95 -19.27
C ALA C 293 4.32 17.03 -19.54
N VAL C 294 3.98 17.78 -18.48
CA VAL C 294 3.00 18.86 -18.59
C VAL C 294 3.49 19.99 -19.49
N GLU C 295 4.74 20.41 -19.29
CA GLU C 295 5.31 21.48 -20.10
C GLU C 295 5.31 21.12 -21.58
N ASN C 296 5.68 19.88 -21.89
CA ASN C 296 5.71 19.43 -23.27
C ASN C 296 4.33 19.40 -23.89
N LEU C 297 3.35 18.91 -23.15
CA LEU C 297 1.97 18.85 -23.65
C LEU C 297 1.42 20.26 -23.87
N LEU C 298 1.62 21.15 -22.91
CA LEU C 298 1.13 22.52 -23.04
C LEU C 298 1.75 23.22 -24.24
N ALA C 299 3.06 23.04 -24.42
CA ALA C 299 3.77 23.66 -25.54
C ALA C 299 3.10 23.34 -26.87
N VAL C 300 2.85 22.05 -27.11
CA VAL C 300 2.23 21.64 -28.36
C VAL C 300 0.82 22.20 -28.53
N LEU C 301 0.04 22.23 -27.45
CA LEU C 301 -1.31 22.77 -27.54
C LEU C 301 -1.29 24.28 -27.75
N GLU C 302 -0.17 24.91 -27.39
CA GLU C 302 -0.01 26.36 -27.53
C GLU C 302 0.61 26.71 -28.90
N GLY C 303 0.80 25.69 -29.73
CA GLY C 303 1.37 25.93 -31.05
C GLY C 303 2.85 26.22 -31.07
N ARG C 304 3.54 25.94 -29.96
CA ARG C 304 4.98 26.19 -29.90
C ARG C 304 5.76 24.88 -29.78
N GLU C 305 7.06 24.94 -30.03
CA GLU C 305 7.92 23.76 -29.96
C GLU C 305 8.15 23.28 -28.54
N PRO C 306 7.89 21.99 -28.28
CA PRO C 306 8.09 21.42 -26.94
C PRO C 306 9.58 21.26 -26.68
N PRO C 307 10.00 21.23 -25.41
CA PRO C 307 11.42 21.08 -25.07
C PRO C 307 12.04 19.70 -25.27
N ASN C 308 11.23 18.65 -25.24
CA ASN C 308 11.77 17.29 -25.39
C ASN C 308 10.98 16.47 -26.41
N PRO C 309 11.03 16.86 -27.69
CA PRO C 309 10.32 16.14 -28.74
C PRO C 309 11.01 14.86 -29.20
N VAL C 310 10.20 13.91 -29.68
CA VAL C 310 10.69 12.65 -30.19
C VAL C 310 10.16 12.56 -31.62
N VAL C 311 8.96 13.11 -31.81
CA VAL C 311 8.30 13.14 -33.10
C VAL C 311 7.79 14.55 -33.37
N MET D 1 -37.76 -4.36 -40.72
CA MET D 1 -38.07 -3.19 -39.85
C MET D 1 -36.86 -2.87 -38.98
N ARG D 2 -36.76 -1.62 -38.53
CA ARG D 2 -35.62 -1.22 -37.70
C ARG D 2 -36.04 -0.60 -36.36
N VAL D 3 -35.29 -0.94 -35.32
CA VAL D 3 -35.53 -0.43 -33.99
C VAL D 3 -34.27 0.30 -33.51
N LEU D 4 -34.45 1.49 -32.94
CA LEU D 4 -33.31 2.25 -32.44
C LEU D 4 -33.28 2.17 -30.92
N VAL D 5 -32.12 1.86 -30.37
CA VAL D 5 -31.91 1.79 -28.94
C VAL D 5 -30.90 2.91 -28.71
N THR D 6 -31.31 3.95 -27.98
CA THR D 6 -30.46 5.11 -27.78
C THR D 6 -29.18 4.93 -26.96
N ARG D 7 -29.08 3.85 -26.19
CA ARG D 7 -27.89 3.58 -25.39
C ARG D 7 -27.67 2.07 -25.31
N THR D 8 -26.42 1.66 -25.14
CA THR D 8 -26.12 0.24 -25.03
C THR D 8 -26.74 -0.27 -23.72
N LEU D 9 -27.37 -1.44 -23.78
CA LEU D 9 -28.01 -2.03 -22.61
C LEU D 9 -27.27 -3.27 -22.18
N PRO D 10 -27.28 -3.56 -20.87
CA PRO D 10 -26.58 -4.75 -20.36
C PRO D 10 -27.42 -5.98 -20.63
N GLY D 11 -26.76 -7.14 -20.75
CA GLY D 11 -27.50 -8.36 -20.99
C GLY D 11 -27.78 -8.62 -22.45
N LYS D 12 -28.59 -9.63 -22.73
CA LYS D 12 -28.90 -9.98 -24.11
C LYS D 12 -30.38 -9.90 -24.46
N ALA D 13 -31.11 -9.02 -23.79
CA ALA D 13 -32.52 -8.85 -24.05
C ALA D 13 -32.83 -8.44 -25.49
N LEU D 14 -31.92 -7.68 -26.11
CA LEU D 14 -32.14 -7.22 -27.47
C LEU D 14 -32.11 -8.34 -28.52
N ASP D 15 -31.39 -9.42 -28.24
CA ASP D 15 -31.34 -10.53 -29.18
C ASP D 15 -32.73 -11.03 -29.51
N ARG D 16 -33.65 -10.87 -28.57
CA ARG D 16 -35.02 -11.31 -28.79
C ARG D 16 -35.64 -10.56 -29.98
N LEU D 17 -35.14 -9.35 -30.23
CA LEU D 17 -35.63 -8.54 -31.34
C LEU D 17 -34.96 -8.99 -32.62
N ARG D 18 -33.63 -9.16 -32.56
CA ARG D 18 -32.87 -9.60 -33.71
C ARG D 18 -33.34 -10.95 -34.20
N GLU D 19 -33.73 -11.81 -33.26
CA GLU D 19 -34.22 -13.15 -33.60
C GLU D 19 -35.53 -13.10 -34.37
N ARG D 20 -36.26 -12.00 -34.24
CA ARG D 20 -37.54 -11.83 -34.93
C ARG D 20 -37.33 -11.19 -36.31
N GLY D 21 -36.08 -11.05 -36.71
CA GLY D 21 -35.79 -10.46 -38.00
C GLY D 21 -35.69 -8.95 -37.99
N LEU D 22 -35.91 -8.35 -36.83
CA LEU D 22 -35.84 -6.90 -36.69
C LEU D 22 -34.40 -6.41 -36.71
N GLU D 23 -34.16 -5.28 -37.35
CA GLU D 23 -32.83 -4.71 -37.39
C GLU D 23 -32.73 -3.87 -36.13
N VAL D 24 -31.69 -4.07 -35.34
CA VAL D 24 -31.53 -3.32 -34.10
C VAL D 24 -30.33 -2.40 -34.14
N GLU D 25 -30.58 -1.09 -34.08
CA GLU D 25 -29.48 -0.14 -34.08
C GLU D 25 -29.31 0.35 -32.64
N VAL D 26 -28.09 0.22 -32.12
CA VAL D 26 -27.81 0.64 -30.76
C VAL D 26 -26.70 1.69 -30.74
N HIS D 27 -27.04 2.89 -30.28
CA HIS D 27 -26.07 3.97 -30.21
C HIS D 27 -25.11 3.77 -29.06
N ARG D 28 -23.81 3.87 -29.35
CA ARG D 28 -22.80 3.70 -28.33
C ARG D 28 -22.25 5.04 -27.84
N GLY D 29 -21.92 5.10 -26.56
CA GLY D 29 -21.39 6.33 -26.01
C GLY D 29 -22.27 6.90 -24.90
N LEU D 30 -21.77 7.94 -24.25
CA LEU D 30 -22.46 8.60 -23.15
C LEU D 30 -23.38 9.74 -23.63
N PHE D 31 -23.21 10.16 -24.89
CA PHE D 31 -24.01 11.27 -25.41
C PHE D 31 -24.66 11.00 -26.76
N LEU D 32 -25.87 11.55 -26.93
CA LEU D 32 -26.61 11.43 -28.19
C LEU D 32 -27.28 12.76 -28.48
N PRO D 33 -26.55 13.69 -29.11
CA PRO D 33 -27.09 15.01 -29.44
C PRO D 33 -28.40 14.88 -30.22
N LYS D 34 -29.33 15.80 -30.02
CA LYS D 34 -30.61 15.74 -30.70
C LYS D 34 -30.47 15.63 -32.22
N ALA D 35 -29.46 16.28 -32.77
CA ALA D 35 -29.24 16.24 -34.20
C ALA D 35 -28.99 14.80 -34.66
N GLU D 36 -28.22 14.07 -33.87
CA GLU D 36 -27.91 12.68 -34.20
C GLU D 36 -29.12 11.77 -33.95
N LEU D 37 -29.90 12.07 -32.91
CA LEU D 37 -31.09 11.28 -32.60
C LEU D 37 -32.04 11.34 -33.79
N LEU D 38 -32.26 12.55 -34.28
CA LEU D 38 -33.16 12.77 -35.42
C LEU D 38 -32.73 11.99 -36.65
N LYS D 39 -31.44 12.03 -36.95
CA LYS D 39 -30.91 11.32 -38.11
C LYS D 39 -31.15 9.82 -38.02
N ARG D 40 -30.78 9.24 -36.87
CA ARG D 40 -30.95 7.81 -36.66
C ARG D 40 -32.38 7.31 -36.47
N VAL D 41 -33.24 8.14 -35.91
CA VAL D 41 -34.62 7.72 -35.66
C VAL D 41 -35.52 7.67 -36.90
N GLU D 42 -35.13 8.37 -37.97
CA GLU D 42 -35.94 8.36 -39.18
C GLU D 42 -36.05 6.93 -39.71
N GLY D 43 -37.25 6.51 -40.05
CA GLY D 43 -37.45 5.17 -40.57
C GLY D 43 -37.50 4.08 -39.52
N ALA D 44 -37.44 4.47 -38.24
CA ALA D 44 -37.50 3.50 -37.16
C ALA D 44 -38.95 3.17 -36.85
N VAL D 45 -39.23 1.89 -36.59
CA VAL D 45 -40.59 1.47 -36.27
C VAL D 45 -40.76 1.40 -34.76
N GLY D 46 -39.64 1.28 -34.05
CA GLY D 46 -39.67 1.19 -32.61
C GLY D 46 -38.52 1.96 -31.99
N LEU D 47 -38.69 2.41 -30.76
CA LEU D 47 -37.65 3.17 -30.08
C LEU D 47 -37.56 2.86 -28.59
N ILE D 48 -36.35 2.65 -28.11
CA ILE D 48 -36.12 2.40 -26.70
C ILE D 48 -35.15 3.48 -26.24
N PRO D 49 -35.68 4.56 -25.65
CA PRO D 49 -34.89 5.70 -25.16
C PRO D 49 -34.57 5.60 -23.67
N THR D 50 -33.82 6.58 -23.18
CA THR D 50 -33.46 6.67 -21.76
C THR D 50 -33.86 8.06 -21.30
N VAL D 51 -33.78 8.28 -19.99
CA VAL D 51 -34.13 9.58 -19.41
C VAL D 51 -33.25 10.71 -19.96
N GLU D 52 -32.15 10.35 -20.62
CA GLU D 52 -31.23 11.35 -21.18
C GLU D 52 -31.69 11.85 -22.54
N ASP D 53 -32.67 11.17 -23.12
CA ASP D 53 -33.18 11.55 -24.43
C ASP D 53 -34.54 12.24 -24.36
N ARG D 54 -34.63 13.44 -24.91
CA ARG D 54 -35.89 14.16 -24.91
C ARG D 54 -36.68 13.71 -26.14
N ILE D 55 -37.73 12.94 -25.91
CA ILE D 55 -38.55 12.46 -27.00
C ILE D 55 -39.76 13.37 -27.17
N ASP D 56 -39.58 14.43 -27.96
CA ASP D 56 -40.64 15.40 -28.19
C ASP D 56 -41.30 15.23 -29.55
N ALA D 57 -42.23 16.13 -29.86
CA ALA D 57 -42.97 16.09 -31.12
C ALA D 57 -42.04 16.05 -32.32
N GLU D 58 -40.99 16.85 -32.30
CA GLU D 58 -40.04 16.91 -33.41
C GLU D 58 -39.45 15.53 -33.72
N VAL D 59 -39.03 14.82 -32.66
CA VAL D 59 -38.46 13.49 -32.82
C VAL D 59 -39.49 12.56 -33.44
N MET D 60 -40.71 12.59 -32.91
CA MET D 60 -41.79 11.75 -33.41
C MET D 60 -42.11 12.02 -34.87
N ASP D 61 -42.22 13.29 -35.25
CA ASP D 61 -42.52 13.63 -36.64
C ASP D 61 -41.42 13.17 -37.57
N ARG D 62 -40.19 13.19 -37.07
CA ARG D 62 -39.05 12.77 -37.89
C ARG D 62 -39.13 11.26 -38.12
N ALA D 63 -39.80 10.57 -37.19
CA ALA D 63 -39.94 9.12 -37.28
C ALA D 63 -41.36 8.69 -37.68
N LYS D 64 -41.80 9.10 -38.86
CA LYS D 64 -43.22 8.93 -39.26
C LYS D 64 -43.91 7.57 -39.01
N GLY D 65 -43.20 6.44 -39.18
CA GLY D 65 -43.88 5.12 -39.00
C GLY D 65 -43.64 4.49 -37.61
N LEU D 66 -43.24 5.36 -36.69
CA LEU D 66 -42.85 4.94 -35.35
C LEU D 66 -44.14 4.44 -34.70
N LYS D 67 -44.12 3.22 -34.16
CA LYS D 67 -45.31 2.64 -33.55
C LYS D 67 -45.25 2.57 -32.04
N VAL D 68 -44.05 2.56 -31.48
CA VAL D 68 -43.94 2.47 -30.03
C VAL D 68 -42.65 3.04 -29.45
N ILE D 69 -42.80 3.65 -28.29
CA ILE D 69 -41.68 4.22 -27.55
C ILE D 69 -41.65 3.43 -26.24
N ALA D 70 -40.83 2.39 -26.20
CA ALA D 70 -40.69 1.55 -25.02
C ALA D 70 -39.59 2.11 -24.14
N CYS D 71 -39.97 2.92 -23.16
CA CYS D 71 -39.01 3.55 -22.26
C CYS D 71 -38.20 2.58 -21.39
N TYR D 72 -36.89 2.83 -21.34
CA TYR D 72 -36.00 2.03 -20.51
C TYR D 72 -35.90 2.80 -19.20
N SER D 73 -37.03 2.88 -18.49
CA SER D 73 -37.08 3.59 -17.23
C SER D 73 -38.49 3.54 -16.68
N VAL D 74 -38.65 3.92 -15.42
CA VAL D 74 -39.96 3.94 -14.82
C VAL D 74 -40.62 5.29 -15.15
N GLY D 75 -39.82 6.35 -15.09
CA GLY D 75 -40.33 7.68 -15.39
C GLY D 75 -40.42 7.95 -16.88
N VAL D 76 -41.33 8.84 -17.27
CA VAL D 76 -41.51 9.17 -18.68
C VAL D 76 -41.70 10.67 -18.93
N ASP D 77 -41.26 11.51 -17.99
CA ASP D 77 -41.42 12.94 -18.14
C ASP D 77 -40.66 13.51 -19.34
N HIS D 78 -39.67 12.76 -19.80
CA HIS D 78 -38.86 13.18 -20.94
C HIS D 78 -39.56 12.87 -22.27
N VAL D 79 -40.72 12.23 -22.20
CA VAL D 79 -41.47 11.90 -23.41
C VAL D 79 -42.77 12.71 -23.45
N ASP D 80 -43.04 13.34 -24.59
CA ASP D 80 -44.27 14.13 -24.72
C ASP D 80 -45.40 13.14 -24.94
N LEU D 81 -46.09 12.78 -23.87
CA LEU D 81 -47.17 11.81 -23.96
C LEU D 81 -48.32 12.29 -24.85
N GLU D 82 -48.62 13.58 -24.83
CA GLU D 82 -49.69 14.12 -25.65
C GLU D 82 -49.34 13.98 -27.13
N ALA D 83 -48.10 14.33 -27.47
CA ALA D 83 -47.63 14.24 -28.86
C ALA D 83 -47.70 12.81 -29.37
N ALA D 84 -47.42 11.84 -28.49
CA ALA D 84 -47.47 10.44 -28.88
C ALA D 84 -48.91 10.01 -29.12
N ARG D 85 -49.80 10.45 -28.23
CA ARG D 85 -51.21 10.10 -28.34
C ARG D 85 -51.84 10.58 -29.64
N GLU D 86 -51.63 11.84 -30.00
CA GLU D 86 -52.21 12.35 -31.24
C GLU D 86 -51.58 11.78 -32.51
N ARG D 87 -50.49 11.04 -32.36
CA ARG D 87 -49.84 10.43 -33.51
C ARG D 87 -50.07 8.92 -33.49
N GLY D 88 -50.85 8.46 -32.51
CA GLY D 88 -51.15 7.05 -32.40
C GLY D 88 -49.95 6.19 -32.05
N ILE D 89 -49.04 6.75 -31.26
CA ILE D 89 -47.83 6.05 -30.84
C ILE D 89 -48.00 5.53 -29.40
N ARG D 90 -47.72 4.25 -29.18
CA ARG D 90 -47.82 3.70 -27.83
C ARG D 90 -46.56 4.06 -27.05
N VAL D 91 -46.72 4.33 -25.76
CA VAL D 91 -45.58 4.65 -24.89
C VAL D 91 -45.69 3.77 -23.64
N THR D 92 -44.62 3.02 -23.35
CA THR D 92 -44.58 2.14 -22.19
C THR D 92 -43.38 2.46 -21.31
N HIS D 93 -43.30 1.79 -20.16
CA HIS D 93 -42.18 1.99 -19.25
C HIS D 93 -41.83 0.69 -18.51
N THR D 94 -40.94 0.76 -17.53
CA THR D 94 -40.52 -0.41 -16.78
C THR D 94 -40.75 -0.25 -15.27
N PRO D 95 -42.02 -0.28 -14.83
CA PRO D 95 -42.35 -0.14 -13.40
C PRO D 95 -42.03 -1.33 -12.49
N GLY D 96 -41.81 -1.02 -11.21
CA GLY D 96 -41.52 -2.03 -10.21
C GLY D 96 -40.14 -2.65 -10.11
N VAL D 97 -39.51 -2.87 -11.26
CA VAL D 97 -38.19 -3.50 -11.31
C VAL D 97 -37.04 -2.93 -10.48
N LEU D 98 -36.96 -1.61 -10.32
CA LEU D 98 -35.83 -1.04 -9.58
C LEU D 98 -36.01 -0.70 -8.10
N THR D 99 -37.13 -1.12 -7.51
CA THR D 99 -37.40 -0.84 -6.10
C THR D 99 -36.32 -1.32 -5.13
N GLU D 100 -36.01 -2.62 -5.15
CA GLU D 100 -35.02 -3.19 -4.25
C GLU D 100 -33.63 -2.59 -4.42
N ALA D 101 -33.19 -2.43 -5.66
CA ALA D 101 -31.87 -1.88 -5.93
C ALA D 101 -31.75 -0.47 -5.37
N THR D 102 -32.78 0.34 -5.57
CA THR D 102 -32.77 1.71 -5.07
C THR D 102 -32.74 1.74 -3.55
N ALA D 103 -33.53 0.86 -2.92
CA ALA D 103 -33.57 0.79 -1.46
C ALA D 103 -32.19 0.39 -0.94
N ASP D 104 -31.53 -0.54 -1.62
CA ASP D 104 -30.20 -0.97 -1.20
C ASP D 104 -29.22 0.19 -1.25
N LEU D 105 -29.27 0.98 -2.32
CA LEU D 105 -28.35 2.11 -2.44
C LEU D 105 -28.67 3.20 -1.43
N THR D 106 -29.95 3.32 -1.05
CA THR D 106 -30.32 4.31 -0.06
C THR D 106 -29.68 3.93 1.26
N LEU D 107 -29.72 2.65 1.60
CA LEU D 107 -29.10 2.18 2.84
C LEU D 107 -27.58 2.29 2.76
N ALA D 108 -27.04 2.04 1.57
CA ALA D 108 -25.60 2.12 1.36
C ALA D 108 -25.10 3.54 1.67
N LEU D 109 -25.83 4.54 1.18
CA LEU D 109 -25.46 5.94 1.41
C LEU D 109 -25.63 6.34 2.87
N LEU D 110 -26.68 5.84 3.52
CA LEU D 110 -26.88 6.16 4.94
C LEU D 110 -25.69 5.63 5.75
N LEU D 111 -25.29 4.39 5.48
CA LEU D 111 -24.17 3.80 6.21
C LEU D 111 -22.86 4.46 5.85
N ALA D 112 -22.69 4.80 4.57
CA ALA D 112 -21.47 5.44 4.10
C ALA D 112 -21.26 6.77 4.82
N VAL D 113 -22.36 7.52 5.00
CA VAL D 113 -22.30 8.81 5.67
C VAL D 113 -22.17 8.63 7.17
N ALA D 114 -23.14 7.93 7.76
CA ALA D 114 -23.16 7.70 9.21
C ALA D 114 -21.87 7.12 9.77
N ARG D 115 -21.30 6.13 9.09
CA ARG D 115 -20.07 5.51 9.57
C ARG D 115 -18.79 5.94 8.84
N ARG D 116 -18.91 6.99 8.04
CA ARG D 116 -17.77 7.56 7.34
C ARG D 116 -16.90 6.54 6.59
N VAL D 117 -17.54 5.69 5.79
CA VAL D 117 -16.85 4.66 5.03
C VAL D 117 -16.03 5.23 3.86
N VAL D 118 -16.62 6.16 3.12
CA VAL D 118 -15.92 6.76 2.00
C VAL D 118 -14.70 7.54 2.49
N GLU D 119 -14.91 8.27 3.58
CA GLU D 119 -13.85 9.05 4.20
C GLU D 119 -12.79 8.13 4.80
N GLY D 120 -13.24 7.02 5.38
CA GLY D 120 -12.31 6.09 5.99
C GLY D 120 -11.46 5.38 4.95
N ALA D 121 -12.07 5.05 3.81
CA ALA D 121 -11.33 4.39 2.73
C ALA D 121 -10.24 5.31 2.20
N ALA D 122 -10.56 6.61 2.08
CA ALA D 122 -9.61 7.60 1.59
C ALA D 122 -8.46 7.77 2.59
N TYR D 123 -8.81 7.71 3.88
CA TYR D 123 -7.84 7.84 4.96
C TYR D 123 -6.74 6.79 4.85
N ALA D 124 -7.14 5.53 4.66
CA ALA D 124 -6.20 4.43 4.53
C ALA D 124 -5.45 4.50 3.20
N ARG D 125 -6.15 4.88 2.14
CA ARG D 125 -5.55 4.97 0.81
C ARG D 125 -4.46 6.05 0.77
N ASP D 126 -4.68 7.14 1.51
CA ASP D 126 -3.71 8.23 1.55
C ASP D 126 -2.54 7.99 2.49
N GLY D 127 -2.48 6.78 3.06
CA GLY D 127 -1.40 6.42 3.97
C GLY D 127 -1.40 7.08 5.34
N LEU D 128 -2.59 7.42 5.85
CA LEU D 128 -2.67 8.05 7.16
C LEU D 128 -2.96 7.06 8.28
N TRP D 129 -3.28 5.83 7.92
CA TRP D 129 -3.59 4.78 8.90
C TRP D 129 -2.32 4.25 9.53
N LYS D 130 -2.03 4.74 10.75
CA LYS D 130 -0.81 4.34 11.47
C LYS D 130 -1.11 3.41 12.64
N ALA D 131 -2.30 3.53 13.21
CA ALA D 131 -2.70 2.70 14.34
C ALA D 131 -4.17 2.85 14.65
N TRP D 132 -4.68 1.91 15.43
CA TRP D 132 -6.06 1.95 15.88
C TRP D 132 -6.05 3.00 16.98
N HIS D 133 -7.12 3.78 17.11
CA HIS D 133 -7.23 4.78 18.15
C HIS D 133 -8.69 4.94 18.52
N PRO D 134 -8.99 5.12 19.81
CA PRO D 134 -10.38 5.29 20.27
C PRO D 134 -11.17 6.39 19.59
N GLU D 135 -10.48 7.44 19.13
CA GLU D 135 -11.14 8.58 18.51
C GLU D 135 -11.04 8.67 16.98
N LEU D 136 -10.52 7.63 16.34
CA LEU D 136 -10.38 7.65 14.89
C LEU D 136 -11.68 7.42 14.12
N LEU D 137 -12.05 8.41 13.32
CA LEU D 137 -13.25 8.35 12.47
C LEU D 137 -14.56 7.99 13.16
N LEU D 138 -14.79 8.57 14.33
CA LEU D 138 -16.02 8.33 15.08
C LEU D 138 -17.22 8.72 14.24
N GLY D 139 -18.20 7.83 14.19
CA GLY D 139 -19.40 8.07 13.40
C GLY D 139 -20.67 8.08 14.23
N LEU D 140 -21.80 7.93 13.56
CA LEU D 140 -23.09 7.94 14.21
C LEU D 140 -23.73 6.56 14.27
N ASP D 141 -23.98 6.06 15.49
CA ASP D 141 -24.63 4.76 15.66
C ASP D 141 -26.10 4.92 15.28
N LEU D 142 -26.65 3.95 14.57
CA LEU D 142 -28.04 4.04 14.13
C LEU D 142 -29.08 3.47 15.09
N GLN D 143 -28.65 2.63 16.03
CA GLN D 143 -29.58 2.02 16.96
C GLN D 143 -30.38 3.04 17.77
N GLY D 144 -31.70 2.91 17.73
CA GLY D 144 -32.56 3.80 18.48
C GLY D 144 -32.91 5.10 17.78
N LEU D 145 -32.22 5.42 16.69
CA LEU D 145 -32.50 6.66 15.98
C LEU D 145 -33.76 6.53 15.12
N THR D 146 -34.34 7.67 14.79
CA THR D 146 -35.55 7.68 13.98
C THR D 146 -35.31 8.07 12.53
N LEU D 147 -35.79 7.24 11.62
CA LEU D 147 -35.69 7.48 10.19
C LEU D 147 -37.04 8.02 9.77
N GLY D 148 -37.05 9.19 9.12
CA GLY D 148 -38.28 9.80 8.67
C GLY D 148 -38.31 9.83 7.14
N LEU D 149 -39.27 9.10 6.58
CA LEU D 149 -39.33 9.07 5.13
C LEU D 149 -40.39 10.06 4.61
N VAL D 150 -39.91 10.93 3.71
CA VAL D 150 -40.82 11.82 3.03
C VAL D 150 -41.31 11.20 1.72
N GLY D 151 -42.54 10.69 1.72
CA GLY D 151 -43.04 9.97 0.58
C GLY D 151 -42.89 8.53 1.04
N MET D 152 -43.87 7.67 0.76
CA MET D 152 -43.78 6.29 1.23
C MET D 152 -44.31 5.26 0.25
N GLY D 153 -43.85 5.33 -1.00
CA GLY D 153 -44.19 4.34 -2.00
C GLY D 153 -43.44 3.04 -1.73
N ARG D 154 -43.33 2.22 -2.76
CA ARG D 154 -42.69 0.94 -2.56
C ARG D 154 -41.22 1.09 -2.19
N ILE D 155 -40.55 2.10 -2.79
CA ILE D 155 -39.15 2.30 -2.42
C ILE D 155 -39.01 2.73 -0.97
N GLY D 156 -39.84 3.68 -0.56
CA GLY D 156 -39.83 4.13 0.82
C GLY D 156 -40.12 3.00 1.79
N GLN D 157 -41.04 2.12 1.40
CA GLN D 157 -41.39 0.99 2.25
C GLN D 157 -40.25 -0.02 2.34
N ALA D 158 -39.53 -0.21 1.24
CA ALA D 158 -38.40 -1.15 1.21
C ALA D 158 -37.26 -0.61 2.08
N VAL D 159 -37.11 0.71 2.10
CA VAL D 159 -36.07 1.34 2.90
C VAL D 159 -36.40 1.20 4.39
N ALA D 160 -37.67 1.33 4.73
CA ALA D 160 -38.12 1.22 6.12
C ALA D 160 -37.84 -0.17 6.67
N LYS D 161 -38.16 -1.18 5.88
CA LYS D 161 -37.94 -2.58 6.26
C LYS D 161 -36.47 -2.84 6.61
N ARG D 162 -35.56 -2.33 5.78
CA ARG D 162 -34.13 -2.51 6.05
C ARG D 162 -33.70 -1.73 7.29
N ALA D 163 -34.17 -0.48 7.40
CA ALA D 163 -33.80 0.34 8.54
C ALA D 163 -34.20 -0.28 9.88
N LEU D 164 -35.35 -0.97 9.92
CA LEU D 164 -35.79 -1.60 11.16
C LEU D 164 -34.77 -2.64 11.63
N ALA D 165 -34.16 -3.35 10.68
CA ALA D 165 -33.19 -4.37 11.01
C ALA D 165 -31.94 -3.78 11.67
N PHE D 166 -31.68 -2.49 11.44
CA PHE D 166 -30.53 -1.83 12.03
C PHE D 166 -30.89 -1.25 13.40
N GLY D 167 -32.11 -1.51 13.84
CA GLY D 167 -32.55 -1.02 15.13
C GLY D 167 -33.07 0.40 15.12
N MET D 168 -33.45 0.90 13.94
CA MET D 168 -33.96 2.25 13.83
C MET D 168 -35.47 2.26 13.98
N ARG D 169 -36.01 3.41 14.37
CA ARG D 169 -37.44 3.61 14.52
C ARG D 169 -37.88 4.27 13.21
N VAL D 170 -39.08 3.96 12.74
CA VAL D 170 -39.53 4.54 11.48
C VAL D 170 -40.82 5.35 11.55
N VAL D 171 -40.79 6.54 10.95
CA VAL D 171 -41.95 7.41 10.88
C VAL D 171 -41.99 7.91 9.44
N TYR D 172 -43.14 8.40 8.98
CA TYR D 172 -43.24 8.88 7.61
C TYR D 172 -44.29 9.96 7.41
N HIS D 173 -44.18 10.65 6.29
CA HIS D 173 -45.13 11.67 5.89
C HIS D 173 -45.49 11.41 4.43
N ALA D 174 -46.76 11.59 4.10
CA ALA D 174 -47.24 11.38 2.74
C ALA D 174 -48.52 12.19 2.63
N ARG D 175 -49.05 12.33 1.41
CA ARG D 175 -50.29 13.10 1.22
C ARG D 175 -51.42 12.50 2.03
N THR D 176 -51.40 11.17 2.17
CA THR D 176 -52.41 10.45 2.92
C THR D 176 -51.73 9.29 3.65
N PRO D 177 -52.38 8.77 4.70
CA PRO D 177 -51.76 7.66 5.43
C PRO D 177 -51.59 6.44 4.52
N LYS D 178 -50.72 5.52 4.94
CA LYS D 178 -50.48 4.30 4.19
C LYS D 178 -50.83 3.16 5.14
N PRO D 179 -51.12 1.97 4.61
CA PRO D 179 -51.47 0.84 5.49
C PRO D 179 -50.22 0.25 6.14
N LEU D 180 -49.55 1.06 6.96
CA LEU D 180 -48.34 0.65 7.63
C LEU D 180 -48.44 0.86 9.14
N PRO D 181 -47.57 0.19 9.93
CA PRO D 181 -47.61 0.33 11.39
C PRO D 181 -46.86 1.56 11.92
N TYR D 182 -46.14 2.25 11.05
CA TYR D 182 -45.36 3.42 11.46
C TYR D 182 -46.21 4.66 11.71
N PRO D 183 -45.77 5.53 12.63
CA PRO D 183 -46.52 6.74 12.93
C PRO D 183 -46.60 7.62 11.68
N PHE D 184 -47.79 8.14 11.39
CA PHE D 184 -48.01 9.01 10.25
C PHE D 184 -47.87 10.44 10.76
N LEU D 185 -46.93 11.20 10.20
CA LEU D 185 -46.68 12.56 10.67
C LEU D 185 -46.77 13.62 9.59
N SER D 186 -46.94 14.86 10.01
CA SER D 186 -46.97 15.98 9.08
C SER D 186 -45.50 16.17 8.73
N LEU D 187 -45.20 16.89 7.65
CA LEU D 187 -43.82 17.12 7.27
C LEU D 187 -43.12 17.88 8.39
N GLU D 188 -43.83 18.83 8.99
CA GLU D 188 -43.30 19.63 10.08
C GLU D 188 -42.88 18.76 11.26
N GLU D 189 -43.77 17.85 11.69
CA GLU D 189 -43.40 17.03 12.84
C GLU D 189 -42.29 16.06 12.47
N LEU D 190 -42.29 15.51 11.25
CA LEU D 190 -41.23 14.61 10.82
C LEU D 190 -39.84 15.24 10.87
N LEU D 191 -39.70 16.46 10.34
CA LEU D 191 -38.39 17.12 10.35
C LEU D 191 -37.85 17.33 11.76
N LYS D 192 -38.74 17.55 12.72
CA LYS D 192 -38.34 17.78 14.10
C LYS D 192 -38.04 16.49 14.87
N GLU D 193 -38.64 15.38 14.43
CA GLU D 193 -38.46 14.12 15.12
C GLU D 193 -37.39 13.19 14.55
N ALA D 194 -37.17 13.28 13.24
CA ALA D 194 -36.21 12.40 12.56
C ALA D 194 -34.73 12.74 12.73
N ASP D 195 -33.92 11.68 12.87
CA ASP D 195 -32.48 11.81 13.01
C ASP D 195 -31.88 11.63 11.60
N VAL D 196 -32.65 10.96 10.75
CA VAL D 196 -32.27 10.72 9.36
C VAL D 196 -33.52 10.99 8.54
N VAL D 197 -33.39 11.86 7.53
CA VAL D 197 -34.51 12.17 6.66
C VAL D 197 -34.20 11.65 5.27
N SER D 198 -35.07 10.81 4.72
CA SER D 198 -34.85 10.26 3.38
C SER D 198 -36.02 10.62 2.46
N LEU D 199 -35.70 11.14 1.28
CA LEU D 199 -36.72 11.55 0.32
C LEU D 199 -37.09 10.45 -0.67
N HIS D 200 -38.39 10.21 -0.81
CA HIS D 200 -38.91 9.19 -1.73
C HIS D 200 -40.25 9.63 -2.29
N THR D 201 -40.26 10.82 -2.89
CA THR D 201 -41.50 11.36 -3.44
C THR D 201 -41.22 11.97 -4.80
N PRO D 202 -42.20 11.93 -5.72
CA PRO D 202 -41.99 12.51 -7.04
C PRO D 202 -41.87 14.03 -7.01
N LEU D 203 -41.34 14.58 -8.11
CA LEU D 203 -41.17 16.03 -8.22
C LEU D 203 -42.49 16.62 -8.73
N THR D 204 -43.00 17.60 -7.97
CA THR D 204 -44.26 18.27 -8.32
C THR D 204 -44.16 19.74 -7.91
N PRO D 205 -45.15 20.57 -8.30
CA PRO D 205 -45.12 21.99 -7.95
C PRO D 205 -44.87 22.24 -6.47
N GLU D 206 -45.38 21.35 -5.61
CA GLU D 206 -45.21 21.50 -4.18
C GLU D 206 -43.92 20.88 -3.61
N THR D 207 -43.36 19.90 -4.31
CA THR D 207 -42.14 19.27 -3.81
C THR D 207 -40.85 19.84 -4.40
N HIS D 208 -40.96 20.66 -5.43
CA HIS D 208 -39.76 21.24 -6.02
C HIS D 208 -39.08 22.07 -4.93
N ARG D 209 -37.80 21.78 -4.69
CA ARG D 209 -37.05 22.48 -3.66
C ARG D 209 -37.75 22.41 -2.31
N LEU D 210 -38.38 21.28 -2.04
CA LEU D 210 -39.08 21.07 -0.77
C LEU D 210 -38.10 21.26 0.39
N LEU D 211 -36.91 20.67 0.26
CA LEU D 211 -35.87 20.80 1.27
C LEU D 211 -35.07 22.05 0.98
N ASN D 212 -35.69 23.20 1.27
CA ASN D 212 -35.05 24.48 1.06
C ASN D 212 -34.29 24.88 2.33
N ARG D 213 -33.79 26.11 2.34
CA ARG D 213 -33.05 26.62 3.48
C ARG D 213 -33.82 26.49 4.79
N GLU D 214 -35.09 26.87 4.76
CA GLU D 214 -35.93 26.80 5.96
C GLU D 214 -36.06 25.38 6.51
N ARG D 215 -36.47 24.45 5.67
CA ARG D 215 -36.66 23.06 6.11
C ARG D 215 -35.36 22.37 6.49
N LEU D 216 -34.28 22.66 5.77
CA LEU D 216 -33.00 22.05 6.07
C LEU D 216 -32.54 22.48 7.46
N PHE D 217 -32.70 23.75 7.79
CA PHE D 217 -32.29 24.23 9.09
C PHE D 217 -33.33 23.91 10.17
N ALA D 218 -34.45 23.35 9.75
CA ALA D 218 -35.51 22.95 10.67
C ALA D 218 -35.26 21.50 11.10
N MET D 219 -34.41 20.80 10.35
CA MET D 219 -34.09 19.42 10.71
C MET D 219 -33.27 19.44 11.99
N LYS D 220 -33.24 18.30 12.69
CA LYS D 220 -32.48 18.19 13.92
C LYS D 220 -31.01 18.50 13.69
N ARG D 221 -30.39 19.13 14.67
CA ARG D 221 -28.97 19.41 14.57
C ARG D 221 -28.32 18.03 14.66
N GLY D 222 -27.36 17.73 13.78
CA GLY D 222 -26.73 16.42 13.81
C GLY D 222 -27.49 15.38 12.99
N ALA D 223 -28.52 15.82 12.28
CA ALA D 223 -29.31 14.91 11.45
C ALA D 223 -28.63 14.63 10.12
N ILE D 224 -29.05 13.55 9.47
CA ILE D 224 -28.53 13.15 8.17
C ILE D 224 -29.64 13.23 7.14
N LEU D 225 -29.33 13.79 5.97
CA LEU D 225 -30.28 13.91 4.88
C LEU D 225 -29.90 12.95 3.75
N LEU D 226 -30.88 12.22 3.24
CA LEU D 226 -30.66 11.28 2.14
C LEU D 226 -31.59 11.61 0.98
N ASN D 227 -31.05 11.58 -0.24
CA ASN D 227 -31.88 11.81 -1.41
C ASN D 227 -31.47 10.96 -2.60
N THR D 228 -32.29 9.96 -2.90
CA THR D 228 -32.05 9.07 -4.05
C THR D 228 -33.25 9.15 -4.97
N ALA D 229 -34.09 10.17 -4.78
CA ALA D 229 -35.31 10.35 -5.59
C ALA D 229 -35.08 11.30 -6.76
N ARG D 230 -35.28 12.60 -6.53
CA ARG D 230 -35.07 13.60 -7.56
C ARG D 230 -34.23 14.73 -7.00
N GLY D 231 -33.18 15.11 -7.72
CA GLY D 231 -32.30 16.17 -7.26
C GLY D 231 -32.94 17.51 -6.93
N ALA D 232 -33.95 17.91 -7.69
CA ALA D 232 -34.59 19.20 -7.46
C ALA D 232 -35.45 19.29 -6.21
N LEU D 233 -35.53 18.20 -5.45
CA LEU D 233 -36.30 18.20 -4.21
C LEU D 233 -35.49 18.94 -3.14
N VAL D 234 -34.20 19.09 -3.41
CA VAL D 234 -33.31 19.75 -2.47
C VAL D 234 -32.66 21.01 -3.05
N ASP D 235 -32.59 22.06 -2.22
CA ASP D 235 -31.94 23.29 -2.63
C ASP D 235 -30.46 23.01 -2.37
N THR D 236 -29.72 22.71 -3.44
CA THR D 236 -28.32 22.38 -3.34
C THR D 236 -27.43 23.40 -2.61
N GLU D 237 -27.58 24.68 -2.93
CA GLU D 237 -26.76 25.70 -2.28
C GLU D 237 -27.12 25.80 -0.80
N ALA D 238 -28.40 25.65 -0.48
CA ALA D 238 -28.84 25.70 0.91
C ALA D 238 -28.25 24.50 1.67
N LEU D 239 -28.13 23.37 1.00
CA LEU D 239 -27.57 22.16 1.62
C LEU D 239 -26.12 22.41 2.04
N VAL D 240 -25.37 23.09 1.16
CA VAL D 240 -23.97 23.40 1.46
C VAL D 240 -23.90 24.18 2.78
N GLU D 241 -24.79 25.15 2.94
CA GLU D 241 -24.85 25.95 4.16
C GLU D 241 -25.12 25.06 5.37
N ALA D 242 -26.12 24.20 5.25
CA ALA D 242 -26.53 23.31 6.34
C ALA D 242 -25.49 22.26 6.75
N LEU D 243 -24.60 21.90 5.82
CA LEU D 243 -23.58 20.90 6.13
C LEU D 243 -22.38 21.48 6.86
N ARG D 244 -22.27 22.80 6.88
CA ARG D 244 -21.17 23.48 7.56
C ARG D 244 -21.09 23.08 9.03
N GLY D 245 -22.22 23.14 9.73
CA GLY D 245 -22.22 22.80 11.14
C GLY D 245 -23.55 22.33 11.70
N HIS D 246 -24.61 22.40 10.90
CA HIS D 246 -25.92 21.98 11.38
C HIS D 246 -26.18 20.49 11.23
N LEU D 247 -26.14 19.99 10.00
CA LEU D 247 -26.38 18.57 9.73
C LEU D 247 -25.12 17.73 9.86
N PHE D 248 -25.28 16.49 10.30
CA PHE D 248 -24.15 15.58 10.45
C PHE D 248 -23.55 15.31 9.06
N GLY D 249 -24.43 15.09 8.09
CA GLY D 249 -23.98 14.83 6.74
C GLY D 249 -25.15 14.56 5.80
N ALA D 250 -24.83 14.27 4.54
CA ALA D 250 -25.85 14.00 3.54
C ALA D 250 -25.37 12.96 2.53
N GLY D 251 -26.28 12.10 2.12
CA GLY D 251 -25.97 11.09 1.12
C GLY D 251 -26.89 11.34 -0.06
N LEU D 252 -26.31 11.69 -1.20
CA LEU D 252 -27.10 12.00 -2.38
C LEU D 252 -26.75 11.12 -3.58
N ASP D 253 -27.78 10.64 -4.28
CA ASP D 253 -27.56 9.85 -5.48
C ASP D 253 -28.08 10.67 -6.65
N VAL D 254 -28.74 11.79 -6.33
CA VAL D 254 -29.27 12.70 -7.34
C VAL D 254 -28.97 14.12 -6.90
N THR D 255 -28.77 15.02 -7.87
CA THR D 255 -28.42 16.40 -7.53
C THR D 255 -29.07 17.44 -8.44
N ASP D 256 -28.92 18.70 -8.07
CA ASP D 256 -29.46 19.81 -8.86
C ASP D 256 -28.44 20.95 -8.85
N PRO D 257 -27.79 21.21 -10.00
CA PRO D 257 -27.94 20.54 -11.29
C PRO D 257 -27.39 19.11 -11.28
N GLU D 258 -27.71 18.37 -12.33
CA GLU D 258 -27.24 16.99 -12.46
C GLU D 258 -26.80 16.75 -13.91
N PRO D 259 -25.57 16.26 -14.11
CA PRO D 259 -24.59 15.95 -13.07
C PRO D 259 -24.14 17.19 -12.30
N LEU D 260 -23.60 16.98 -11.10
CA LEU D 260 -23.10 18.08 -10.29
C LEU D 260 -21.62 18.27 -10.70
N PRO D 261 -21.27 19.44 -11.27
CA PRO D 261 -19.89 19.73 -11.69
C PRO D 261 -18.86 19.52 -10.59
N PRO D 262 -17.69 18.95 -10.93
CA PRO D 262 -16.60 18.67 -9.99
C PRO D 262 -16.14 19.85 -9.14
N GLY D 263 -16.33 21.05 -9.67
CA GLY D 263 -15.93 22.24 -8.92
C GLY D 263 -16.92 22.64 -7.85
N HIS D 264 -18.08 21.98 -7.81
CA HIS D 264 -19.10 22.31 -6.83
C HIS D 264 -18.61 22.10 -5.38
N PRO D 265 -18.90 23.06 -4.49
CA PRO D 265 -18.49 23.00 -3.09
C PRO D 265 -18.87 21.72 -2.34
N LEU D 266 -19.99 21.11 -2.70
CA LEU D 266 -20.41 19.88 -2.03
C LEU D 266 -19.32 18.81 -2.10
N TYR D 267 -18.60 18.74 -3.22
CA TYR D 267 -17.54 17.75 -3.38
C TYR D 267 -16.36 17.94 -2.43
N ALA D 268 -16.25 19.12 -1.83
CA ALA D 268 -15.15 19.39 -0.91
C ALA D 268 -15.52 19.11 0.55
N LEU D 269 -16.78 18.76 0.79
CA LEU D 269 -17.24 18.46 2.15
C LEU D 269 -17.14 16.96 2.41
N PRO D 270 -16.29 16.55 3.36
CA PRO D 270 -16.15 15.13 3.64
C PRO D 270 -17.42 14.49 4.21
N ASN D 271 -18.33 15.30 4.77
CA ASN D 271 -19.55 14.74 5.32
C ASN D 271 -20.68 14.65 4.30
N ALA D 272 -20.31 14.80 3.03
CA ALA D 272 -21.28 14.68 1.94
C ALA D 272 -20.76 13.55 1.06
N VAL D 273 -21.63 12.60 0.75
CA VAL D 273 -21.25 11.49 -0.12
C VAL D 273 -22.17 11.56 -1.33
N ILE D 274 -21.59 11.80 -2.49
CA ILE D 274 -22.37 11.90 -3.71
C ILE D 274 -22.05 10.79 -4.68
N THR D 275 -23.06 10.04 -5.08
CA THR D 275 -22.89 8.97 -6.05
C THR D 275 -23.54 9.48 -7.33
N PRO D 276 -23.01 9.09 -8.49
CA PRO D 276 -23.52 9.51 -9.80
C PRO D 276 -24.82 8.87 -10.30
N HIS D 277 -25.89 9.03 -9.52
CA HIS D 277 -27.21 8.49 -9.85
C HIS D 277 -27.18 7.03 -10.29
N ILE D 278 -26.67 6.18 -9.41
CA ILE D 278 -26.57 4.74 -9.68
C ILE D 278 -27.57 3.95 -8.83
N GLY D 279 -28.59 4.64 -8.33
CA GLY D 279 -29.59 3.97 -7.51
C GLY D 279 -30.10 2.65 -8.06
N SER D 280 -30.42 2.59 -9.35
CA SER D 280 -30.92 1.36 -9.94
C SER D 280 -29.85 0.52 -10.64
N ALA D 281 -28.59 0.92 -10.45
CA ALA D 281 -27.46 0.25 -11.09
C ALA D 281 -27.11 -1.17 -10.61
N GLY D 282 -28.13 -2.01 -10.44
CA GLY D 282 -27.88 -3.38 -10.08
C GLY D 282 -27.83 -4.09 -11.43
N ARG D 283 -26.83 -4.93 -11.68
CA ARG D 283 -26.77 -5.58 -13.00
C ARG D 283 -28.05 -6.33 -13.34
N THR D 284 -28.53 -7.16 -12.43
CA THR D 284 -29.74 -7.94 -12.69
C THR D 284 -30.91 -6.99 -12.90
N THR D 285 -30.95 -5.92 -12.11
CA THR D 285 -32.01 -4.94 -12.24
C THR D 285 -32.00 -4.31 -13.63
N ARG D 286 -30.84 -3.83 -14.06
CA ARG D 286 -30.74 -3.19 -15.37
C ARG D 286 -31.02 -4.15 -16.52
N GLU D 287 -30.66 -5.42 -16.36
CA GLU D 287 -30.92 -6.40 -17.42
C GLU D 287 -32.42 -6.70 -17.49
N ARG D 288 -33.07 -6.73 -16.33
CA ARG D 288 -34.50 -6.98 -16.25
C ARG D 288 -35.27 -5.84 -16.91
N MET D 289 -34.79 -4.62 -16.70
CA MET D 289 -35.39 -3.43 -17.30
C MET D 289 -35.36 -3.55 -18.82
N ALA D 290 -34.25 -4.06 -19.35
CA ALA D 290 -34.09 -4.24 -20.79
C ALA D 290 -35.09 -5.29 -21.27
N GLU D 291 -35.28 -6.34 -20.46
CA GLU D 291 -36.22 -7.41 -20.81
C GLU D 291 -37.64 -6.87 -20.88
N VAL D 292 -38.02 -6.04 -19.91
CA VAL D 292 -39.35 -5.48 -19.87
C VAL D 292 -39.57 -4.52 -21.04
N ALA D 293 -38.57 -3.69 -21.32
CA ALA D 293 -38.67 -2.74 -22.43
C ALA D 293 -38.85 -3.48 -23.75
N VAL D 294 -38.02 -4.50 -23.97
CA VAL D 294 -38.11 -5.28 -25.20
C VAL D 294 -39.48 -5.95 -25.31
N GLU D 295 -39.94 -6.53 -24.22
CA GLU D 295 -41.24 -7.20 -24.20
C GLU D 295 -42.34 -6.22 -24.62
N ASN D 296 -42.35 -5.04 -24.02
CA ASN D 296 -43.34 -4.02 -24.35
C ASN D 296 -43.28 -3.63 -25.82
N LEU D 297 -42.08 -3.35 -26.30
CA LEU D 297 -41.89 -2.95 -27.70
C LEU D 297 -42.39 -4.06 -28.64
N LEU D 298 -41.88 -5.27 -28.44
CA LEU D 298 -42.30 -6.41 -29.27
C LEU D 298 -43.81 -6.56 -29.30
N ALA D 299 -44.43 -6.48 -28.12
CA ALA D 299 -45.87 -6.61 -28.01
C ALA D 299 -46.60 -5.72 -29.01
N VAL D 300 -46.26 -4.43 -29.00
CA VAL D 300 -46.87 -3.48 -29.91
C VAL D 300 -46.61 -3.85 -31.37
N LEU D 301 -45.37 -4.17 -31.69
CA LEU D 301 -45.03 -4.54 -33.06
C LEU D 301 -45.74 -5.80 -33.53
N GLU D 302 -46.35 -6.53 -32.59
CA GLU D 302 -47.07 -7.76 -32.92
C GLU D 302 -48.59 -7.62 -32.85
N GLY D 303 -49.07 -6.42 -32.52
CA GLY D 303 -50.50 -6.20 -32.42
C GLY D 303 -51.00 -6.51 -31.03
N ARG D 304 -50.18 -7.20 -30.25
CA ARG D 304 -50.53 -7.56 -28.89
C ARG D 304 -50.52 -6.32 -28.01
N GLU D 305 -51.27 -6.37 -26.92
CA GLU D 305 -51.34 -5.25 -25.99
C GLU D 305 -50.11 -5.33 -25.09
N PRO D 306 -49.37 -4.23 -24.93
CA PRO D 306 -48.17 -4.23 -24.09
C PRO D 306 -48.53 -4.32 -22.59
N PRO D 307 -47.68 -5.01 -21.81
CA PRO D 307 -47.92 -5.19 -20.37
C PRO D 307 -47.79 -3.91 -19.52
N ASN D 308 -46.95 -2.98 -19.93
CA ASN D 308 -46.78 -1.75 -19.16
C ASN D 308 -46.95 -0.48 -19.99
N PRO D 309 -48.15 -0.27 -20.55
CA PRO D 309 -48.41 0.92 -21.36
C PRO D 309 -48.68 2.15 -20.50
N VAL D 310 -48.29 3.31 -21.03
CA VAL D 310 -48.50 4.59 -20.35
C VAL D 310 -49.48 5.39 -21.21
N VAL D 311 -49.48 5.13 -22.50
CA VAL D 311 -50.37 5.79 -23.44
C VAL D 311 -50.56 4.91 -24.67
C3' NHE E . 14.96 3.52 -21.94
C2' NHE E . 15.90 4.29 -22.74
C1' NHE E . 17.12 4.65 -21.99
C6' NHE E . 17.80 3.44 -21.43
N NHE E . 17.95 5.55 -22.81
C1 NHE E . 17.89 7.01 -22.54
C2 NHE E . 18.98 7.81 -23.17
S NHE E . 19.67 8.93 -21.98
O1 NHE E . 20.75 9.97 -22.64
O2 NHE E . 18.42 9.77 -21.34
O3 NHE E . 20.42 7.99 -20.86
C5' NHE E . 16.87 2.51 -20.77
C4' NHE E . 15.35 2.69 -20.77
#